data_7LYB
#
_entry.id   7LYB
#
_cell.length_a   1.00
_cell.length_b   1.00
_cell.length_c   1.00
_cell.angle_alpha   90.00
_cell.angle_beta   90.00
_cell.angle_gamma   90.00
#
_symmetry.space_group_name_H-M   'P 1'
#
loop_
_entity.id
_entity.type
_entity.pdbx_description
1 polymer 'Histone H3.1'
2 polymer 'Histone H4'
3 polymer 'Histone H2B type 1-J'
4 polymer 'DNA (147-MER)'
5 polymer 'DNA (146-MER)'
6 polymer 'Isoform 7 of Breast cancer type 1 susceptibility protein'
7 polymer 'Ubiquitin-conjugating enzyme E2 D3'
8 polymer 'BRCA1-associated RING domain protein 1'
9 polymer 'Histone H2A type 1-B/E'
10 non-polymer 'ZINC ION'
#
loop_
_entity_poly.entity_id
_entity_poly.type
_entity_poly.pdbx_seq_one_letter_code
_entity_poly.pdbx_strand_id
1 'polypeptide(L)'
;GPGHMARTKQTARKSTGGKAPRKQLATKAARKSAPATGGVKKPHRYRPGTVALREIRRYQKSTELLIRKLPFQRLVREIA
QDFKTDLRFQSSAVMALQEACEAYLVGLFEDTNLCAIHAKRVTIMPKDIQLARRIRGERA
;
A,E
2 'polypeptide(L)'
;GPGHMSGRGKGGKGLGKGGAKRHRKVLRDNIQGITKPAIRRLARRGGVKRISGLIYEETRGVLKVFLENVIRDAVTYTEH
AKRKTVTAMDVVYALKRQGRTLYGFGG
;
B,F
3 'polypeptide(L)'
;GHMPEPAKSAPAPKKGSKKAVTKAQKKDGKKRKRSRKESYSIYVYKVLKQVHPDTGISSKAMGIMNSFVNDIFERIAGEA
SRLAHYNKRSTITSREIQTAVRLLLPGELAKHAVSEGTKAVTKYTS
;
D,H
4 'polydeoxyribonucleotide'
;(DA)(DT)(DC)(DG)(DA)(DG)(DA)(DA)(DT)(DC)(DC)(DC)(DG)(DG)(DT)(DG)(DC)(DC)(DG)(DA)
(DG)(DG)(DC)(DC)(DG)(DC)(DT)(DC)(DA)(DA)(DT)(DT)(DG)(DG)(DT)(DC)(DG)(DT)(DA)(DG)
(DA)(DC)(DA)(DG)(DC)(DT)(DC)(DT)(DA)(DG)(DC)(DA)(DC)(DC)(DG)(DC)(DT)(DT)(DA)(DA)
(DA)(DC)(DG)(DC)(DA)(DC)(DG)(DT)(DA)(DC)(DG)(DC)(DG)(DC)(DT)(DG)(DT)(DC)(DC)(DC)
(DC)(DC)(DG)(DC)(DG)(DT)(DT)(DT)(DT)(DA)(DA)(DC)(DC)(DG)(DC)(DC)(DA)(DA)(DG)(DG)
(DG)(DG)(DA)(DT)(DT)(DA)(DC)(DT)(DC)(DC)(DC)(DT)(DA)(DG)(DT)(DC)(DT)(DC)(DC)(DA)
(DG)(DG)(DC)(DA)(DC)(DG)(DT)(DG)(DT)(DC)(DA)(DG)(DA)(DT)(DA)(DT)(DA)(DT)(DA)(DC)
(DA)(DT)(DC)(DC)(DG)(DA)(DT)
;
I
5 'polydeoxyribonucleotide'
;(DA)(DT)(DC)(DG)(DG)(DA)(DT)(DG)(DT)(DA)(DT)(DA)(DT)(DA)(DT)(DC)(DT)(DG)(DA)(DC)
(DA)(DC)(DG)(DT)(DG)(DC)(DC)(DT)(DG)(DG)(DA)(DG)(DA)(DC)(DT)(DA)(DG)(DG)(DG)(DA)
(DG)(DT)(DA)(DA)(DT)(DC)(DC)(DC)(DC)(DT)(DT)(DG)(DG)(DC)(DG)(DG)(DT)(DT)(DA)(DA)
(DA)(DA)(DC)(DG)(DC)(DG)(DG)(DG)(DG)(DG)(DA)(DC)(DA)(DG)(DC)(DG)(DC)(DG)(DT)(DA)
(DC)(DG)(DT)(DG)(DC)(DG)(DT)(DT)(DT)(DA)(DA)(DG)(DC)(DG)(DG)(DT)(DG)(DC)(DT)(DA)
(DG)(DA)(DG)(DC)(DT)(DG)(DT)(DC)(DT)(DA)(DC)(DG)(DA)(DC)(DC)(DA)(DA)(DT)(DT)(DG)
(DA)(DG)(DC)(DG)(DG)(DC)(DC)(DT)(DC)(DG)(DG)(DC)(DA)(DC)(DC)(DG)(DG)(DG)(DA)(DT)
(DT)(DC)(DT)(DC)(DG)(DA)(DT)
;
J
6 'polypeptide(L)'
;GGSGGSGGSGGSGGSGGSGGSGGSMDLSALRVEEVQNVINAMQKILECPICLELIKEPVSTKCDHIFCKFCMLKLLNQKK
GPSQCPLCKNDITKRSLQESTRFSQLVEELLKIICAFQLDTGLE
;
M
7 'polypeptide(L)'
;GGSGGSGGSGGSGGSGGSSALKRINKELSDLARDPPAQCSAGPVGDDMFHWQATIMGPNDSPYQGGVFFLTIHFPTDYPF
KPPKVAFTTRIYHPNINSNGSICLDILRSQWSPALTISKVLLSICSLLCDPNPDDPLVPEIARIYKTDRDKYNRISREWT
QKYAM
;
P
8 'polypeptide(L)'
;MEPDGRGAWAHSRAALDRLEKLLRCSRCTNILREPVCLGGCEHIFCSNCVSDCIGTGCPVCYTPAWIQDLKINRQLDSMI
QLCSKLRNLLHDNELSD
;
N
9 'polypeptide(L)'
;SAKAKTRSSRAGLQFPVGRVHRLLRKGNYSERVGAGAPVYLAAVLEYLTAEILELAGNAARDNKKTRIIPRHLQLAIRND
EELNKLLGRVTIAQGGVLPNIQAVLLPKKTESHHKAKGK
;
C,G
#
# COMPACT_ATOMS: atom_id res chain seq x y z
N LYS A 42 -24.51 50.70 2.54
CA LYS A 42 -24.97 49.48 1.88
C LYS A 42 -24.83 48.31 2.85
N PRO A 43 -25.74 47.34 2.78
CA PRO A 43 -25.60 46.14 3.61
C PRO A 43 -24.38 45.33 3.23
N HIS A 44 -24.02 44.41 4.12
CA HIS A 44 -22.80 43.63 3.95
C HIS A 44 -23.05 42.47 3.00
N ARG A 45 -22.11 42.23 2.09
CA ARG A 45 -22.17 41.08 1.18
C ARG A 45 -20.78 40.51 1.01
N TYR A 46 -20.63 39.23 1.30
CA TYR A 46 -19.40 38.55 0.98
C TYR A 46 -19.25 38.35 -0.53
N ARG A 47 -18.00 38.38 -0.99
CA ARG A 47 -17.74 38.21 -2.41
C ARG A 47 -18.07 36.79 -2.85
N PRO A 48 -18.44 36.60 -4.11
CA PRO A 48 -18.68 35.25 -4.62
C PRO A 48 -17.48 34.32 -4.48
N GLY A 49 -17.69 33.18 -3.82
CA GLY A 49 -16.66 32.18 -3.59
C GLY A 49 -16.22 32.01 -2.15
N THR A 50 -16.27 33.07 -1.35
CA THR A 50 -15.85 32.95 0.05
C THR A 50 -16.77 32.04 0.85
N VAL A 51 -18.08 32.17 0.67
CA VAL A 51 -19.01 31.33 1.43
C VAL A 51 -18.91 29.88 0.97
N ALA A 52 -18.63 29.66 -0.31
CA ALA A 52 -18.44 28.30 -0.79
C ALA A 52 -17.30 27.62 -0.06
N LEU A 53 -16.18 28.32 0.13
CA LEU A 53 -15.06 27.76 0.88
C LEU A 53 -15.43 27.51 2.34
N ARG A 54 -16.21 28.41 2.93
CA ARG A 54 -16.65 28.20 4.30
C ARG A 54 -17.47 26.93 4.43
N GLU A 55 -18.33 26.65 3.45
CA GLU A 55 -19.16 25.44 3.51
C GLU A 55 -18.33 24.18 3.33
N ILE A 56 -17.31 24.24 2.46
CA ILE A 56 -16.43 23.08 2.28
C ILE A 56 -15.81 22.69 3.60
N ARG A 57 -15.28 23.66 4.34
CA ARG A 57 -14.68 23.36 5.63
C ARG A 57 -15.71 22.81 6.62
N ARG A 58 -16.94 23.35 6.57
CA ARG A 58 -17.97 22.90 7.50
C ARG A 58 -18.37 21.45 7.27
N TYR A 59 -18.60 21.07 6.01
CA TYR A 59 -19.13 19.74 5.75
C TYR A 59 -18.05 18.67 5.74
N GLN A 60 -16.80 19.03 5.50
CA GLN A 60 -15.71 18.07 5.61
C GLN A 60 -15.34 17.81 7.05
N LYS A 61 -15.75 18.68 7.97
CA LYS A 61 -15.43 18.52 9.38
C LYS A 61 -16.42 17.60 10.10
N SER A 62 -17.65 17.50 9.62
CA SER A 62 -18.72 16.77 10.28
C SER A 62 -19.00 15.46 9.55
N THR A 63 -19.86 14.64 10.16
CA THR A 63 -20.16 13.32 9.64
C THR A 63 -21.63 13.02 9.42
N GLU A 64 -22.55 13.93 9.75
CA GLU A 64 -23.97 13.65 9.64
C GLU A 64 -24.38 13.44 8.17
N LEU A 65 -25.39 12.59 7.98
CA LEU A 65 -25.92 12.33 6.64
C LEU A 65 -26.53 13.59 6.05
N LEU A 66 -26.40 13.73 4.73
CA LEU A 66 -26.74 14.97 4.04
C LEU A 66 -27.99 14.90 3.19
N ILE A 67 -28.49 13.72 2.87
CA ILE A 67 -29.78 13.57 2.19
C ILE A 67 -30.89 13.41 3.22
N ARG A 68 -32.01 14.08 3.00
CA ARG A 68 -33.15 13.97 3.90
C ARG A 68 -33.67 12.55 3.95
N LYS A 69 -34.01 12.09 5.17
CA LYS A 69 -34.30 10.68 5.39
C LYS A 69 -35.52 10.20 4.63
N LEU A 70 -36.66 10.88 4.80
CA LEU A 70 -37.91 10.41 4.17
C LEU A 70 -37.88 10.41 2.66
N PRO A 71 -37.40 11.43 1.96
CA PRO A 71 -37.37 11.35 0.49
C PRO A 71 -36.49 10.23 -0.03
N PHE A 72 -35.39 9.92 0.63
CA PHE A 72 -34.54 8.82 0.19
C PHE A 72 -35.22 7.48 0.40
N GLN A 73 -35.91 7.32 1.53
CA GLN A 73 -36.64 6.08 1.80
C GLN A 73 -37.70 5.81 0.76
N ARG A 74 -38.42 6.85 0.32
CA ARG A 74 -39.42 6.69 -0.72
C ARG A 74 -38.79 6.21 -2.02
N LEU A 75 -37.63 6.75 -2.37
CA LEU A 75 -36.94 6.34 -3.58
C LEU A 75 -36.56 4.87 -3.55
N VAL A 76 -36.02 4.39 -2.44
CA VAL A 76 -35.64 2.99 -2.32
C VAL A 76 -36.84 2.09 -2.54
N ARG A 77 -37.97 2.39 -1.90
CA ARG A 77 -39.16 1.57 -2.05
C ARG A 77 -39.69 1.56 -3.47
N GLU A 78 -39.60 2.70 -4.17
CA GLU A 78 -40.09 2.75 -5.55
C GLU A 78 -39.29 1.83 -6.46
N ILE A 79 -37.96 1.84 -6.32
CA ILE A 79 -37.12 1.00 -7.16
C ILE A 79 -37.38 -0.47 -6.87
N ALA A 80 -37.52 -0.83 -5.60
CA ALA A 80 -37.75 -2.21 -5.20
C ALA A 80 -39.06 -2.79 -5.73
N GLN A 81 -40.11 -1.97 -5.82
CA GLN A 81 -41.38 -2.50 -6.32
C GLN A 81 -41.26 -3.01 -7.75
N ASP A 82 -40.36 -2.43 -8.54
CA ASP A 82 -40.21 -2.91 -9.90
C ASP A 82 -39.52 -4.27 -9.97
N PHE A 83 -38.83 -4.69 -8.92
CA PHE A 83 -38.21 -6.01 -8.93
C PHE A 83 -39.07 -7.08 -8.28
N LYS A 84 -39.80 -6.75 -7.21
CA LYS A 84 -40.63 -7.74 -6.52
C LYS A 84 -41.63 -6.97 -5.69
N THR A 85 -42.91 -7.26 -5.87
CA THR A 85 -43.95 -6.54 -5.16
C THR A 85 -44.05 -7.01 -3.71
N ASP A 86 -44.64 -6.16 -2.86
CA ASP A 86 -44.96 -6.49 -1.47
C ASP A 86 -43.72 -6.78 -0.62
N LEU A 87 -42.66 -6.01 -0.83
CA LEU A 87 -41.46 -6.13 -0.01
C LEU A 87 -41.57 -5.22 1.21
N ARG A 88 -40.94 -5.66 2.29
CA ARG A 88 -40.77 -4.85 3.48
C ARG A 88 -39.28 -4.62 3.71
N PHE A 89 -38.96 -3.56 4.44
CA PHE A 89 -37.56 -3.22 4.72
C PHE A 89 -37.37 -3.06 6.22
N GLN A 90 -36.32 -3.68 6.75
CA GLN A 90 -35.83 -3.29 8.07
C GLN A 90 -35.34 -1.85 8.04
N SER A 91 -35.53 -1.15 9.16
CA SER A 91 -35.08 0.25 9.20
C SER A 91 -33.58 0.35 9.01
N SER A 92 -32.84 -0.63 9.53
CA SER A 92 -31.38 -0.60 9.37
C SER A 92 -30.98 -0.87 7.92
N ALA A 93 -31.82 -1.56 7.16
CA ALA A 93 -31.51 -1.79 5.75
C ALA A 93 -31.54 -0.50 4.94
N VAL A 94 -32.52 0.36 5.21
CA VAL A 94 -32.59 1.64 4.51
C VAL A 94 -31.39 2.51 4.88
N MET A 95 -30.98 2.49 6.14
CA MET A 95 -29.84 3.30 6.52
C MET A 95 -28.59 2.80 5.84
N ALA A 96 -28.38 1.50 5.78
CA ALA A 96 -27.19 0.98 5.11
C ALA A 96 -27.14 1.43 3.65
N LEU A 97 -28.29 1.47 2.98
CA LEU A 97 -28.32 1.92 1.60
C LEU A 97 -27.95 3.39 1.49
N GLN A 98 -28.39 4.22 2.44
CA GLN A 98 -28.10 5.65 2.36
C GLN A 98 -26.64 5.93 2.66
N GLU A 99 -26.06 5.23 3.61
CA GLU A 99 -24.63 5.39 3.89
C GLU A 99 -23.79 5.06 2.68
N ALA A 100 -24.08 3.95 2.03
CA ALA A 100 -23.31 3.55 0.85
C ALA A 100 -23.48 4.55 -0.30
N CYS A 101 -24.71 5.01 -0.53
CA CYS A 101 -24.97 5.94 -1.63
C CYS A 101 -24.26 7.28 -1.43
N GLU A 102 -24.29 7.81 -0.20
CA GLU A 102 -23.66 9.09 0.04
C GLU A 102 -22.15 8.98 -0.06
N ALA A 103 -21.58 7.89 0.43
CA ALA A 103 -20.15 7.68 0.31
C ALA A 103 -19.72 7.57 -1.15
N TYR A 104 -20.54 6.91 -1.97
CA TYR A 104 -20.19 6.77 -3.38
C TYR A 104 -20.21 8.10 -4.10
N LEU A 105 -21.23 8.92 -3.87
CA LEU A 105 -21.32 10.20 -4.56
C LEU A 105 -20.22 11.15 -4.12
N VAL A 106 -19.88 11.15 -2.83
CA VAL A 106 -18.80 12.00 -2.35
C VAL A 106 -17.48 11.62 -3.02
N GLY A 107 -17.20 10.32 -3.10
CA GLY A 107 -15.99 9.88 -3.76
C GLY A 107 -15.97 10.24 -5.24
N LEU A 108 -17.14 10.17 -5.88
CA LEU A 108 -17.23 10.53 -7.30
C LEU A 108 -16.98 12.01 -7.52
N PHE A 109 -17.48 12.86 -6.63
CA PHE A 109 -17.26 14.29 -6.78
C PHE A 109 -15.80 14.67 -6.60
N GLU A 110 -15.03 13.94 -5.80
CA GLU A 110 -13.60 14.21 -5.72
C GLU A 110 -12.92 13.98 -7.06
N ASP A 111 -13.18 12.84 -7.70
CA ASP A 111 -12.60 12.57 -9.01
C ASP A 111 -13.05 13.58 -10.05
N THR A 112 -14.32 13.99 -9.98
CA THR A 112 -14.84 15.00 -10.90
C THR A 112 -14.10 16.32 -10.76
N ASN A 113 -13.80 16.73 -9.52
CA ASN A 113 -13.07 17.96 -9.31
C ASN A 113 -11.68 17.92 -9.93
N LEU A 114 -10.99 16.79 -9.84
CA LEU A 114 -9.67 16.67 -10.45
C LEU A 114 -9.75 16.81 -11.96
N CYS A 115 -10.82 16.33 -12.58
CA CYS A 115 -10.93 16.45 -14.03
C CYS A 115 -11.17 17.90 -14.43
N ALA A 116 -11.98 18.63 -13.66
CA ALA A 116 -12.21 20.05 -13.96
C ALA A 116 -10.92 20.85 -13.85
N ILE A 117 -10.18 20.66 -12.77
CA ILE A 117 -8.91 21.37 -12.59
C ILE A 117 -7.93 21.03 -13.70
N HIS A 118 -7.96 19.79 -14.18
CA HIS A 118 -7.09 19.40 -15.29
C HIS A 118 -7.34 20.24 -16.53
N ALA A 119 -8.58 20.63 -16.78
CA ALA A 119 -8.92 21.46 -17.93
C ALA A 119 -8.84 22.94 -17.63
N LYS A 120 -8.15 23.32 -16.55
CA LYS A 120 -7.96 24.71 -16.16
C LYS A 120 -9.29 25.43 -15.89
N ARG A 121 -10.25 24.69 -15.35
CA ARG A 121 -11.52 25.25 -14.90
C ARG A 121 -11.66 25.00 -13.39
N VAL A 122 -12.61 25.72 -12.79
CA VAL A 122 -12.97 25.49 -11.40
C VAL A 122 -14.42 25.03 -11.24
N THR A 123 -15.19 25.00 -12.32
CA THR A 123 -16.59 24.60 -12.29
C THR A 123 -16.72 23.20 -12.86
N ILE A 124 -17.25 22.28 -12.07
CA ILE A 124 -17.47 20.93 -12.58
C ILE A 124 -18.66 20.96 -13.52
N MET A 125 -18.58 20.18 -14.60
CA MET A 125 -19.58 20.13 -15.64
C MET A 125 -19.94 18.69 -15.94
N PRO A 126 -21.06 18.45 -16.64
CA PRO A 126 -21.43 17.07 -16.98
C PRO A 126 -20.31 16.28 -17.64
N LYS A 127 -19.53 16.90 -18.52
CA LYS A 127 -18.47 16.17 -19.20
C LYS A 127 -17.37 15.75 -18.24
N ASP A 128 -17.24 16.42 -17.10
CA ASP A 128 -16.26 16.03 -16.10
C ASP A 128 -16.66 14.73 -15.42
N ILE A 129 -17.94 14.62 -15.02
CA ILE A 129 -18.44 13.38 -14.43
C ILE A 129 -18.30 12.22 -15.40
N GLN A 130 -18.66 12.43 -16.65
CA GLN A 130 -18.60 11.34 -17.64
C GLN A 130 -17.19 10.82 -17.83
N LEU A 131 -16.20 11.72 -17.86
CA LEU A 131 -14.82 11.27 -17.99
C LEU A 131 -14.37 10.46 -16.78
N ALA A 132 -14.71 10.92 -15.58
CA ALA A 132 -14.32 10.21 -14.37
C ALA A 132 -14.89 8.79 -14.35
N ARG A 133 -16.18 8.66 -14.67
CA ARG A 133 -16.81 7.34 -14.66
C ARG A 133 -16.24 6.43 -15.72
N ARG A 134 -15.85 6.96 -16.88
CA ARG A 134 -15.26 6.12 -17.92
C ARG A 134 -13.93 5.54 -17.47
N ILE A 135 -13.06 6.37 -16.88
CA ILE A 135 -11.76 5.88 -16.46
C ILE A 135 -11.86 4.95 -15.27
N ARG A 136 -12.80 5.19 -14.37
CA ARG A 136 -13.03 4.27 -13.25
C ARG A 136 -13.49 2.90 -13.74
N GLY A 137 -14.08 2.82 -14.93
CA GLY A 137 -14.59 1.58 -15.45
C GLY A 137 -16.02 1.27 -15.09
N GLU A 138 -16.81 2.27 -14.75
CA GLU A 138 -18.21 2.08 -14.42
C GLU A 138 -19.12 2.13 -15.64
N ARG A 139 -18.59 2.50 -16.80
CA ARG A 139 -19.44 2.61 -17.98
C ARG A 139 -18.69 2.30 -19.28
N ALA A 140 -17.46 1.79 -19.21
CA ALA A 140 -16.67 1.38 -20.37
C ALA A 140 -16.85 2.27 -21.60
N LYS B 25 -50.16 0.65 -4.10
CA LYS B 25 -49.54 1.90 -3.70
C LYS B 25 -48.34 2.23 -4.59
N VAL B 26 -48.63 2.80 -5.77
CA VAL B 26 -47.60 3.16 -6.73
C VAL B 26 -46.97 4.48 -6.33
N LEU B 27 -45.85 4.83 -6.96
CA LEU B 27 -45.11 6.04 -6.64
C LEU B 27 -44.61 6.70 -7.93
N ARG B 28 -44.46 8.02 -7.91
CA ARG B 28 -44.08 8.77 -9.09
C ARG B 28 -43.00 9.80 -8.76
N ASP B 29 -42.10 10.00 -9.74
CA ASP B 29 -41.05 11.04 -9.75
C ASP B 29 -40.42 11.29 -8.39
N ASN B 30 -40.07 10.22 -7.70
CA ASN B 30 -39.45 10.27 -6.38
C ASN B 30 -38.02 10.77 -6.44
N ILE B 31 -37.30 10.47 -7.53
CA ILE B 31 -35.92 10.93 -7.68
C ILE B 31 -35.85 12.44 -7.67
N GLN B 32 -36.93 13.12 -8.05
CA GLN B 32 -36.92 14.58 -7.97
C GLN B 32 -36.95 15.03 -6.52
N GLY B 33 -37.17 14.12 -5.59
CA GLY B 33 -37.10 14.41 -4.17
C GLY B 33 -35.68 14.63 -3.69
N ILE B 34 -34.69 14.20 -4.47
CA ILE B 34 -33.29 14.51 -4.19
C ILE B 34 -33.07 15.93 -4.69
N THR B 35 -33.12 16.88 -3.78
CA THR B 35 -33.24 18.28 -4.16
C THR B 35 -31.90 18.87 -4.56
N LYS B 36 -31.97 19.98 -5.30
CA LYS B 36 -30.78 20.74 -5.66
C LYS B 36 -29.91 21.08 -4.46
N PRO B 37 -30.44 21.58 -3.33
CA PRO B 37 -29.57 21.86 -2.18
C PRO B 37 -28.89 20.62 -1.63
N ALA B 38 -29.53 19.45 -1.69
CA ALA B 38 -28.89 18.25 -1.17
C ALA B 38 -27.69 17.85 -2.02
N ILE B 39 -27.83 17.93 -3.34
CA ILE B 39 -26.69 17.64 -4.23
C ILE B 39 -25.58 18.65 -3.99
N ARG B 40 -25.95 19.90 -3.73
CA ARG B 40 -24.96 20.94 -3.42
C ARG B 40 -24.13 20.56 -2.21
N ARG B 41 -24.78 20.07 -1.14
CA ARG B 41 -24.05 19.72 0.06
C ARG B 41 -23.07 18.57 -0.17
N LEU B 42 -23.47 17.56 -0.94
CA LEU B 42 -22.55 16.46 -1.24
C LEU B 42 -21.33 16.96 -1.99
N ALA B 43 -21.52 17.83 -2.98
CA ALA B 43 -20.38 18.37 -3.71
C ALA B 43 -19.44 19.14 -2.78
N ARG B 44 -20.00 19.89 -1.83
CA ARG B 44 -19.18 20.64 -0.89
C ARG B 44 -18.29 19.71 -0.07
N ARG B 45 -18.84 18.60 0.40
CA ARG B 45 -18.01 17.66 1.14
C ARG B 45 -16.92 17.07 0.26
N GLY B 46 -17.14 17.00 -1.03
CA GLY B 46 -16.11 16.57 -1.96
C GLY B 46 -15.10 17.62 -2.34
N GLY B 47 -15.23 18.83 -1.79
CA GLY B 47 -14.26 19.87 -2.05
C GLY B 47 -14.53 20.70 -3.28
N VAL B 48 -15.75 20.66 -3.82
CA VAL B 48 -16.10 21.36 -5.04
C VAL B 48 -16.53 22.78 -4.72
N LYS B 49 -15.96 23.75 -5.42
CA LYS B 49 -16.19 25.15 -5.09
C LYS B 49 -17.27 25.81 -5.97
N ARG B 50 -17.39 25.41 -7.23
CA ARG B 50 -18.33 26.04 -8.16
C ARG B 50 -18.97 24.94 -8.99
N ILE B 51 -20.29 25.01 -9.17
CA ILE B 51 -21.06 23.91 -9.75
C ILE B 51 -21.89 24.39 -10.92
N SER B 52 -21.74 23.74 -12.07
CA SER B 52 -22.51 24.09 -13.25
C SER B 52 -23.96 23.67 -13.10
N GLY B 53 -24.87 24.49 -13.65
CA GLY B 53 -26.30 24.23 -13.52
C GLY B 53 -26.76 22.89 -14.04
N LEU B 54 -26.03 22.31 -15.00
CA LEU B 54 -26.42 21.04 -15.60
C LEU B 54 -26.04 19.83 -14.78
N ILE B 55 -25.25 20.00 -13.71
CA ILE B 55 -24.78 18.86 -12.91
C ILE B 55 -25.95 18.13 -12.27
N TYR B 56 -26.98 18.85 -11.86
CA TYR B 56 -28.03 18.25 -11.03
C TYR B 56 -28.75 17.12 -11.76
N GLU B 57 -29.12 17.33 -13.03
CA GLU B 57 -29.77 16.24 -13.75
C GLU B 57 -28.82 15.08 -13.97
N GLU B 58 -27.55 15.37 -14.25
CA GLU B 58 -26.59 14.28 -14.43
C GLU B 58 -26.42 13.46 -13.16
N THR B 59 -26.38 14.13 -12.00
CA THR B 59 -26.19 13.41 -10.75
C THR B 59 -27.37 12.51 -10.44
N ARG B 60 -28.59 12.99 -10.68
CA ARG B 60 -29.76 12.16 -10.40
C ARG B 60 -29.71 10.87 -11.22
N GLY B 61 -29.34 10.97 -12.49
CA GLY B 61 -29.26 9.79 -13.31
C GLY B 61 -28.20 8.82 -12.82
N VAL B 62 -27.05 9.35 -12.39
CA VAL B 62 -25.99 8.51 -11.87
C VAL B 62 -26.41 7.83 -10.58
N LEU B 63 -27.04 8.58 -9.66
CA LEU B 63 -27.49 8.01 -8.41
C LEU B 63 -28.45 6.84 -8.61
N LYS B 64 -29.39 7.00 -9.55
CA LYS B 64 -30.40 5.97 -9.75
C LYS B 64 -29.78 4.67 -10.23
N VAL B 65 -28.81 4.75 -11.14
CA VAL B 65 -28.15 3.55 -11.65
C VAL B 65 -27.48 2.79 -10.51
N PHE B 66 -26.80 3.49 -9.61
CA PHE B 66 -26.16 2.83 -8.48
C PHE B 66 -27.16 2.04 -7.65
N LEU B 67 -28.28 2.67 -7.30
CA LEU B 67 -29.27 1.99 -6.45
C LEU B 67 -29.86 0.76 -7.13
N GLU B 68 -30.17 0.85 -8.42
CA GLU B 68 -30.70 -0.31 -9.14
C GLU B 68 -29.79 -1.52 -9.00
N ASN B 69 -28.48 -1.31 -9.21
CA ASN B 69 -27.54 -2.42 -9.13
C ASN B 69 -27.51 -3.04 -7.74
N VAL B 70 -27.52 -2.22 -6.70
CA VAL B 70 -27.44 -2.74 -5.34
C VAL B 70 -28.76 -3.40 -4.95
N ILE B 71 -29.88 -2.74 -5.22
CA ILE B 71 -31.17 -3.28 -4.79
C ILE B 71 -31.48 -4.57 -5.53
N ARG B 72 -31.12 -4.65 -6.81
CA ARG B 72 -31.31 -5.89 -7.56
C ARG B 72 -30.69 -7.07 -6.83
N ASP B 73 -29.44 -6.91 -6.39
CA ASP B 73 -28.76 -7.99 -5.68
C ASP B 73 -29.36 -8.24 -4.32
N ALA B 74 -29.70 -7.17 -3.59
CA ALA B 74 -30.30 -7.33 -2.27
C ALA B 74 -31.58 -8.15 -2.35
N VAL B 75 -32.47 -7.80 -3.28
CA VAL B 75 -33.71 -8.56 -3.42
C VAL B 75 -33.42 -10.00 -3.79
N THR B 76 -32.38 -10.24 -4.59
CA THR B 76 -32.04 -11.62 -4.96
C THR B 76 -31.66 -12.46 -3.75
N TYR B 77 -31.02 -11.86 -2.75
CA TYR B 77 -30.73 -12.61 -1.54
C TYR B 77 -32.00 -12.84 -0.72
N THR B 78 -32.89 -11.84 -0.69
CA THR B 78 -34.14 -11.99 0.04
C THR B 78 -34.99 -13.11 -0.52
N GLU B 79 -35.14 -13.14 -1.85
CA GLU B 79 -35.92 -14.18 -2.51
C GLU B 79 -35.37 -15.56 -2.20
N HIS B 80 -34.04 -15.72 -2.18
CA HIS B 80 -33.47 -17.04 -1.97
C HIS B 80 -33.84 -17.59 -0.61
N ALA B 81 -33.93 -16.75 0.41
CA ALA B 81 -34.29 -17.24 1.74
C ALA B 81 -35.80 -17.35 1.89
N LYS B 82 -36.56 -17.06 0.83
CA LYS B 82 -38.02 -17.07 0.87
C LYS B 82 -38.57 -16.16 1.95
N ARG B 83 -38.00 -14.97 2.06
CA ARG B 83 -38.44 -13.95 3.00
C ARG B 83 -39.09 -12.81 2.21
N LYS B 84 -39.80 -11.96 2.94
CA LYS B 84 -40.40 -10.78 2.34
C LYS B 84 -39.82 -9.48 2.87
N THR B 85 -38.85 -9.55 3.79
CA THR B 85 -38.27 -8.37 4.39
C THR B 85 -36.79 -8.32 4.03
N VAL B 86 -36.36 -7.24 3.40
CA VAL B 86 -34.95 -7.04 3.09
C VAL B 86 -34.25 -6.61 4.37
N THR B 87 -33.33 -7.43 4.85
CA THR B 87 -32.64 -7.14 6.09
C THR B 87 -31.36 -6.36 5.82
N ALA B 88 -30.77 -5.81 6.89
CA ALA B 88 -29.53 -5.08 6.75
C ALA B 88 -28.40 -5.97 6.23
N MET B 89 -28.39 -7.23 6.66
CA MET B 89 -27.36 -8.16 6.20
C MET B 89 -27.48 -8.43 4.70
N ASP B 90 -28.70 -8.49 4.18
CA ASP B 90 -28.89 -8.62 2.74
C ASP B 90 -28.21 -7.50 1.98
N VAL B 91 -28.38 -6.26 2.43
CA VAL B 91 -27.78 -5.12 1.74
C VAL B 91 -26.26 -5.15 1.88
N VAL B 92 -25.76 -5.48 3.06
CA VAL B 92 -24.32 -5.53 3.29
C VAL B 92 -23.66 -6.55 2.37
N TYR B 93 -24.29 -7.73 2.22
CA TYR B 93 -23.73 -8.72 1.31
C TYR B 93 -23.70 -8.23 -0.13
N ALA B 94 -24.76 -7.52 -0.56
CA ALA B 94 -24.79 -7.03 -1.93
C ALA B 94 -23.69 -6.01 -2.19
N LEU B 95 -23.50 -5.07 -1.26
CA LEU B 95 -22.44 -4.08 -1.41
C LEU B 95 -21.07 -4.73 -1.39
N LYS B 96 -20.88 -5.74 -0.55
CA LYS B 96 -19.59 -6.40 -0.45
C LYS B 96 -19.21 -7.06 -1.77
N ARG B 97 -20.15 -7.73 -2.43
CA ARG B 97 -19.83 -8.42 -3.66
C ARG B 97 -19.56 -7.47 -4.81
N GLN B 98 -19.94 -6.21 -4.69
CA GLN B 98 -19.63 -5.19 -5.67
C GLN B 98 -18.31 -4.50 -5.39
N GLY B 99 -17.60 -4.92 -4.35
CA GLY B 99 -16.35 -4.28 -4.00
C GLY B 99 -16.54 -2.95 -3.32
N ARG B 100 -17.67 -2.76 -2.63
CA ARG B 100 -17.95 -1.55 -1.88
C ARG B 100 -18.21 -1.92 -0.42
N THR B 101 -17.33 -2.74 0.16
CA THR B 101 -17.45 -3.23 1.53
C THR B 101 -17.84 -2.13 2.52
N LEU B 102 -18.85 -2.40 3.33
CA LEU B 102 -19.39 -1.45 4.30
C LEU B 102 -19.23 -2.00 5.71
N TYR B 103 -18.62 -1.21 6.58
CA TYR B 103 -18.49 -1.53 8.00
C TYR B 103 -19.58 -0.85 8.81
N GLY B 104 -20.08 -1.52 9.83
CA GLY B 104 -20.95 -0.88 10.80
C GLY B 104 -22.36 -1.42 10.91
N PHE B 105 -22.79 -2.35 10.06
CA PHE B 105 -24.16 -2.83 10.13
C PHE B 105 -24.22 -4.34 10.26
N GLY B 106 -23.22 -4.94 10.89
CA GLY B 106 -23.20 -6.37 11.10
C GLY B 106 -22.29 -7.08 10.10
N GLY B 107 -22.10 -8.36 10.35
CA GLY B 107 -21.32 -9.20 9.47
C GLY B 107 -19.83 -9.01 9.63
N ARG C 32 9.58 -44.54 -16.26
CA ARG C 32 8.43 -43.94 -15.60
C ARG C 32 7.52 -43.25 -16.62
N LYS C 33 6.23 -43.17 -16.29
CA LYS C 33 5.23 -42.61 -17.18
C LYS C 33 4.67 -41.32 -16.62
N ARG C 34 4.50 -40.33 -17.50
CA ARG C 34 4.01 -39.02 -17.10
C ARG C 34 2.60 -39.12 -16.54
N SER C 35 2.36 -38.39 -15.45
CA SER C 35 1.01 -38.32 -14.90
C SER C 35 0.09 -37.56 -15.84
N ARG C 36 -1.18 -37.97 -15.86
CA ARG C 36 -2.15 -37.39 -16.77
C ARG C 36 -2.71 -36.08 -16.25
N LYS C 37 -2.98 -35.16 -17.16
CA LYS C 37 -3.50 -33.84 -16.85
C LYS C 37 -4.86 -33.70 -17.52
N GLU C 38 -5.91 -33.55 -16.71
CA GLU C 38 -7.25 -33.38 -17.25
C GLU C 38 -7.42 -32.00 -17.89
N SER C 39 -8.41 -31.90 -18.78
CA SER C 39 -8.73 -30.66 -19.45
C SER C 39 -10.08 -30.83 -20.14
N TYR C 40 -10.67 -29.71 -20.53
CA TYR C 40 -11.95 -29.68 -21.22
C TYR C 40 -11.80 -29.64 -22.73
N SER C 41 -10.70 -30.20 -23.26
CA SER C 41 -10.41 -30.07 -24.67
C SER C 41 -11.45 -30.76 -25.54
N ILE C 42 -11.70 -32.04 -25.27
CA ILE C 42 -12.60 -32.80 -26.15
C ILE C 42 -14.04 -32.28 -26.08
N TYR C 43 -14.47 -31.81 -24.92
CA TYR C 43 -15.85 -31.35 -24.78
C TYR C 43 -16.09 -30.03 -25.51
N VAL C 44 -15.15 -29.08 -25.39
CA VAL C 44 -15.26 -27.84 -26.16
C VAL C 44 -15.26 -28.15 -27.66
N TYR C 45 -14.48 -29.13 -28.08
CA TYR C 45 -14.45 -29.48 -29.48
C TYR C 45 -15.78 -30.05 -29.95
N LYS C 46 -16.45 -30.84 -29.11
CA LYS C 46 -17.77 -31.35 -29.47
C LYS C 46 -18.76 -30.21 -29.66
N VAL C 47 -18.76 -29.26 -28.73
CA VAL C 47 -19.67 -28.11 -28.81
C VAL C 47 -19.40 -27.29 -30.06
N LEU C 48 -18.13 -27.10 -30.42
CA LEU C 48 -17.77 -26.38 -31.64
C LEU C 48 -18.39 -27.02 -32.87
N LYS C 49 -18.12 -28.30 -33.09
CA LYS C 49 -18.65 -29.01 -34.26
C LYS C 49 -20.18 -29.01 -34.32
N GLN C 50 -20.88 -28.71 -33.22
CA GLN C 50 -22.32 -28.51 -33.32
C GLN C 50 -22.66 -27.14 -33.92
N VAL C 51 -21.96 -26.08 -33.52
CA VAL C 51 -22.35 -24.75 -33.96
C VAL C 51 -21.80 -24.43 -35.34
N HIS C 52 -20.52 -24.74 -35.59
CA HIS C 52 -19.89 -24.54 -36.89
C HIS C 52 -19.31 -25.85 -37.38
N PRO C 53 -20.08 -26.66 -38.09
CA PRO C 53 -19.64 -28.02 -38.41
C PRO C 53 -18.43 -28.12 -39.32
N ASP C 54 -17.80 -27.01 -39.68
CA ASP C 54 -16.66 -27.06 -40.58
C ASP C 54 -15.44 -26.27 -40.15
N THR C 55 -15.50 -25.53 -39.05
CA THR C 55 -14.43 -24.63 -38.64
C THR C 55 -13.63 -25.26 -37.50
N GLY C 56 -12.33 -25.49 -37.73
CA GLY C 56 -11.48 -26.06 -36.71
C GLY C 56 -11.12 -25.07 -35.62
N ILE C 57 -10.08 -25.37 -34.84
CA ILE C 57 -9.63 -24.48 -33.78
C ILE C 57 -8.19 -24.80 -33.43
N SER C 58 -7.36 -23.77 -33.30
CA SER C 58 -5.94 -23.98 -33.10
C SER C 58 -5.61 -24.12 -31.63
N SER C 59 -4.44 -24.72 -31.36
CA SER C 59 -4.11 -25.16 -30.01
C SER C 59 -4.09 -24.00 -29.01
N LYS C 60 -3.50 -22.87 -29.40
CA LYS C 60 -3.46 -21.72 -28.51
C LYS C 60 -4.86 -21.19 -28.21
N ALA C 61 -5.73 -21.17 -29.20
CA ALA C 61 -7.13 -20.82 -28.98
C ALA C 61 -7.80 -21.80 -28.03
N MET C 62 -7.41 -23.07 -28.11
CA MET C 62 -7.95 -24.10 -27.23
C MET C 62 -7.56 -23.88 -25.78
N GLY C 63 -6.31 -23.46 -25.53
CA GLY C 63 -5.92 -23.15 -24.17
C GLY C 63 -6.73 -22.03 -23.56
N ILE C 64 -7.08 -21.02 -24.34
CA ILE C 64 -7.87 -19.90 -23.83
C ILE C 64 -9.27 -20.36 -23.44
N MET C 65 -9.91 -21.14 -24.32
CA MET C 65 -11.26 -21.63 -24.01
C MET C 65 -11.24 -22.54 -22.78
N ASN C 66 -10.18 -23.34 -22.64
CA ASN C 66 -10.05 -24.20 -21.48
C ASN C 66 -9.95 -23.39 -20.20
N SER C 67 -9.10 -22.37 -20.19
CA SER C 67 -8.95 -21.51 -19.02
C SER C 67 -10.23 -20.75 -18.70
N PHE C 68 -11.02 -20.38 -19.72
CA PHE C 68 -12.27 -19.67 -19.47
C PHE C 68 -13.28 -20.53 -18.75
N VAL C 69 -13.45 -21.79 -19.15
CA VAL C 69 -14.37 -22.69 -18.47
C VAL C 69 -13.97 -22.86 -17.01
N ASN C 70 -12.67 -23.02 -16.75
CA ASN C 70 -12.21 -23.17 -15.37
C ASN C 70 -12.56 -21.94 -14.53
N ASP C 71 -12.34 -20.74 -15.08
CA ASP C 71 -12.60 -19.53 -14.32
C ASP C 71 -14.08 -19.36 -14.01
N ILE C 72 -14.96 -19.63 -14.99
CA ILE C 72 -16.39 -19.48 -14.75
C ILE C 72 -16.90 -20.51 -13.76
N PHE C 73 -16.38 -21.74 -13.84
CA PHE C 73 -16.74 -22.75 -12.86
C PHE C 73 -16.39 -22.29 -11.46
N GLU C 74 -15.21 -21.70 -11.29
CA GLU C 74 -14.78 -21.23 -9.98
C GLU C 74 -15.69 -20.11 -9.47
N ARG C 75 -16.02 -19.14 -10.32
CA ARG C 75 -16.90 -18.04 -9.87
C ARG C 75 -18.24 -18.58 -9.37
N ILE C 76 -18.91 -19.40 -10.18
CA ILE C 76 -20.24 -19.88 -9.81
C ILE C 76 -20.17 -20.75 -8.55
N ALA C 77 -19.21 -21.66 -8.51
CA ALA C 77 -19.12 -22.57 -7.37
C ALA C 77 -18.82 -21.83 -6.08
N GLY C 78 -17.84 -20.92 -6.12
CA GLY C 78 -17.50 -20.17 -4.92
C GLY C 78 -18.63 -19.29 -4.43
N GLU C 79 -19.38 -18.68 -5.36
CA GLU C 79 -20.52 -17.86 -4.97
C GLU C 79 -21.61 -18.72 -4.34
N ALA C 80 -21.89 -19.89 -4.91
CA ALA C 80 -22.88 -20.77 -4.31
C ALA C 80 -22.44 -21.26 -2.94
N SER C 81 -21.14 -21.42 -2.72
CA SER C 81 -20.67 -21.85 -1.41
C SER C 81 -20.90 -20.77 -0.37
N ARG C 82 -20.48 -19.55 -0.69
CA ARG C 82 -20.75 -18.40 0.18
C ARG C 82 -22.24 -18.24 0.44
N LEU C 83 -23.06 -18.51 -0.58
CA LEU C 83 -24.51 -18.32 -0.48
C LEU C 83 -25.17 -19.36 0.42
N ALA C 84 -24.72 -20.60 0.35
CA ALA C 84 -25.26 -21.65 1.21
C ALA C 84 -24.82 -21.48 2.66
N HIS C 85 -23.68 -20.85 2.89
CA HIS C 85 -23.22 -20.61 4.25
C HIS C 85 -23.93 -19.45 4.93
N TYR C 86 -24.46 -18.50 4.15
CA TYR C 86 -25.20 -17.39 4.76
C TYR C 86 -26.47 -17.88 5.44
N ASN C 87 -27.16 -18.85 4.83
CA ASN C 87 -28.43 -19.33 5.35
C ASN C 87 -28.28 -20.53 6.27
N LYS C 88 -27.05 -20.80 6.73
CA LYS C 88 -26.74 -21.91 7.62
C LYS C 88 -27.09 -23.27 7.03
N ARG C 89 -27.24 -23.36 5.72
CA ARG C 89 -27.37 -24.64 5.07
C ARG C 89 -26.01 -25.33 4.96
N SER C 90 -26.04 -26.63 4.68
CA SER C 90 -24.82 -27.38 4.45
C SER C 90 -24.77 -28.05 3.09
N THR C 91 -25.76 -27.83 2.23
CA THR C 91 -25.86 -28.52 0.95
C THR C 91 -25.92 -27.50 -0.18
N ILE C 92 -25.14 -27.72 -1.23
CA ILE C 92 -25.24 -26.94 -2.46
C ILE C 92 -26.27 -27.67 -3.33
N THR C 93 -27.54 -27.32 -3.17
CA THR C 93 -28.58 -27.89 -4.01
C THR C 93 -28.48 -27.30 -5.40
N SER C 94 -29.45 -27.61 -6.27
CA SER C 94 -29.51 -26.95 -7.56
C SER C 94 -30.01 -25.52 -7.44
N ARG C 95 -30.91 -25.27 -6.49
CA ARG C 95 -31.45 -23.92 -6.31
C ARG C 95 -30.34 -22.92 -6.00
N GLU C 96 -29.31 -23.35 -5.27
CA GLU C 96 -28.18 -22.45 -4.98
C GLU C 96 -27.44 -22.06 -6.25
N ILE C 97 -27.23 -23.02 -7.17
CA ILE C 97 -26.58 -22.70 -8.44
C ILE C 97 -27.41 -21.73 -9.25
N GLN C 98 -28.74 -21.86 -9.20
CA GLN C 98 -29.59 -20.95 -9.97
C GLN C 98 -29.43 -19.52 -9.49
N THR C 99 -29.42 -19.30 -8.17
CA THR C 99 -29.27 -17.96 -7.65
C THR C 99 -27.87 -17.41 -7.89
N ALA C 100 -26.85 -18.27 -7.85
CA ALA C 100 -25.50 -17.81 -8.17
C ALA C 100 -25.40 -17.33 -9.60
N VAL C 101 -26.04 -18.04 -10.54
CA VAL C 101 -26.06 -17.58 -11.92
C VAL C 101 -26.76 -16.24 -12.05
N ARG C 102 -27.90 -16.08 -11.37
CA ARG C 102 -28.61 -14.80 -11.41
C ARG C 102 -27.78 -13.66 -10.86
N LEU C 103 -26.88 -13.95 -9.92
CA LEU C 103 -26.06 -12.92 -9.32
C LEU C 103 -24.80 -12.61 -10.12
N LEU C 104 -24.38 -13.52 -11.00
CA LEU C 104 -23.07 -13.44 -11.62
C LEU C 104 -23.10 -12.98 -13.07
N LEU C 105 -24.22 -13.09 -13.75
CA LEU C 105 -24.19 -12.81 -15.17
C LEU C 105 -25.01 -11.57 -15.50
N PRO C 106 -24.70 -10.88 -16.59
CA PRO C 106 -25.52 -9.74 -17.00
C PRO C 106 -26.94 -10.15 -17.36
N GLY C 107 -27.78 -9.16 -17.67
CA GLY C 107 -29.20 -9.38 -17.84
C GLY C 107 -29.59 -10.51 -18.77
N GLU C 108 -29.33 -10.35 -20.06
CA GLU C 108 -29.82 -11.31 -21.04
C GLU C 108 -29.13 -12.66 -20.91
N LEU C 109 -27.85 -12.69 -20.55
CA LEU C 109 -27.18 -13.96 -20.33
C LEU C 109 -27.78 -14.72 -19.17
N ALA C 110 -28.08 -14.03 -18.06
CA ALA C 110 -28.71 -14.69 -16.92
C ALA C 110 -30.04 -15.34 -17.31
N LYS C 111 -30.83 -14.65 -18.13
CA LYS C 111 -32.15 -15.15 -18.49
C LYS C 111 -32.05 -16.42 -19.32
N HIS C 112 -31.13 -16.47 -20.27
CA HIS C 112 -30.99 -17.63 -21.14
C HIS C 112 -30.31 -18.79 -20.45
N ALA C 113 -29.30 -18.53 -19.63
CA ALA C 113 -28.57 -19.61 -18.97
C ALA C 113 -29.45 -20.31 -17.95
N VAL C 114 -30.27 -19.55 -17.21
CA VAL C 114 -31.22 -20.17 -16.30
C VAL C 114 -32.20 -21.06 -17.04
N SER C 115 -32.67 -20.63 -18.22
CA SER C 115 -33.57 -21.47 -19.01
C SER C 115 -32.92 -22.79 -19.37
N GLU C 116 -31.70 -22.75 -19.91
CA GLU C 116 -31.01 -23.98 -20.29
C GLU C 116 -30.78 -24.89 -19.11
N GLY C 117 -30.38 -24.32 -17.97
CA GLY C 117 -30.14 -25.15 -16.79
C GLY C 117 -31.38 -25.87 -16.32
N THR C 118 -32.49 -25.15 -16.22
CA THR C 118 -33.74 -25.76 -15.78
C THR C 118 -34.17 -26.87 -16.73
N LYS C 119 -34.02 -26.65 -18.03
CA LYS C 119 -34.37 -27.68 -19.01
C LYS C 119 -33.57 -28.95 -18.79
N ALA C 120 -32.26 -28.82 -18.58
CA ALA C 120 -31.41 -29.99 -18.43
C ALA C 120 -31.73 -30.77 -17.17
N VAL C 121 -32.00 -30.08 -16.06
CA VAL C 121 -32.27 -30.77 -14.80
C VAL C 121 -33.58 -31.55 -14.88
N THR C 122 -34.62 -30.96 -15.46
CA THR C 122 -35.89 -31.67 -15.55
C THR C 122 -35.84 -32.84 -16.52
N LYS C 123 -35.07 -32.73 -17.60
CA LYS C 123 -34.87 -33.85 -18.49
C LYS C 123 -34.09 -34.98 -17.81
N TYR C 124 -33.16 -34.61 -16.92
CA TYR C 124 -32.37 -35.59 -16.19
C TYR C 124 -33.23 -36.40 -15.21
N THR C 125 -34.04 -35.72 -14.40
CA THR C 125 -34.77 -36.41 -13.35
C THR C 125 -35.92 -37.23 -13.91
N SER C 126 -36.57 -36.78 -14.98
CA SER C 126 -37.71 -37.52 -15.51
C SER C 126 -37.26 -38.74 -16.30
N LYS D 42 11.95 18.75 -55.53
CA LYS D 42 12.18 18.42 -54.14
C LYS D 42 11.71 16.99 -53.88
N PRO D 43 12.39 16.26 -53.00
CA PRO D 43 11.94 14.91 -52.65
C PRO D 43 10.60 14.94 -51.92
N HIS D 44 9.97 13.78 -51.84
CA HIS D 44 8.63 13.67 -51.29
C HIS D 44 8.71 13.62 -49.76
N ARG D 45 7.81 14.36 -49.10
CA ARG D 45 7.70 14.33 -47.65
C ARG D 45 6.23 14.39 -47.27
N TYR D 46 5.78 13.41 -46.50
CA TYR D 46 4.45 13.48 -45.92
C TYR D 46 4.40 14.53 -44.81
N ARG D 47 3.23 15.15 -44.68
CA ARG D 47 3.05 16.19 -43.67
C ARG D 47 3.11 15.57 -42.28
N PRO D 48 3.53 16.34 -41.28
CA PRO D 48 3.50 15.84 -39.89
C PRO D 48 2.12 15.42 -39.43
N GLY D 49 2.03 14.17 -38.97
CA GLY D 49 0.80 13.58 -38.47
C GLY D 49 0.21 12.47 -39.33
N THR D 50 0.43 12.50 -40.64
CA THR D 50 -0.13 11.46 -41.50
C THR D 50 0.50 10.09 -41.20
N VAL D 51 1.82 10.05 -41.04
CA VAL D 51 2.49 8.76 -40.80
C VAL D 51 2.11 8.24 -39.43
N ALA D 52 1.89 9.13 -38.46
CA ALA D 52 1.46 8.69 -37.14
C ALA D 52 0.13 7.95 -37.22
N LEU D 53 -0.81 8.47 -38.00
CA LEU D 53 -2.09 7.77 -38.18
C LEU D 53 -1.90 6.44 -38.89
N ARG D 54 -1.00 6.39 -39.87
CA ARG D 54 -0.73 5.13 -40.55
C ARG D 54 -0.22 4.07 -39.57
N GLU D 55 0.64 4.46 -38.63
CA GLU D 55 1.18 3.52 -37.66
C GLU D 55 0.11 3.05 -36.68
N ILE D 56 -0.80 3.95 -36.28
CA ILE D 56 -1.89 3.54 -35.40
C ILE D 56 -2.69 2.41 -36.03
N ARG D 57 -3.05 2.56 -37.30
CA ARG D 57 -3.81 1.52 -37.97
C ARG D 57 -3.00 0.23 -38.07
N ARG D 58 -1.70 0.34 -38.31
CA ARG D 58 -0.86 -0.84 -38.45
C ARG D 58 -0.77 -1.65 -37.15
N TYR D 59 -0.52 -0.97 -36.02
CA TYR D 59 -0.28 -1.71 -34.79
C TYR D 59 -1.55 -2.13 -34.10
N GLN D 60 -2.67 -1.47 -34.36
CA GLN D 60 -3.95 -1.94 -33.83
C GLN D 60 -4.49 -3.12 -34.62
N LYS D 61 -3.98 -3.36 -35.82
CA LYS D 61 -4.43 -4.47 -36.64
C LYS D 61 -3.73 -5.79 -36.29
N SER D 62 -2.52 -5.72 -35.76
CA SER D 62 -1.69 -6.90 -35.52
C SER D 62 -1.64 -7.21 -34.03
N THR D 63 -1.03 -8.36 -33.70
CA THR D 63 -0.99 -8.84 -32.33
C THR D 63 0.40 -9.15 -31.78
N GLU D 64 1.46 -9.02 -32.59
CA GLU D 64 2.79 -9.39 -32.13
C GLU D 64 3.27 -8.50 -30.99
N LEU D 65 4.07 -9.08 -30.11
CA LEU D 65 4.65 -8.32 -28.99
C LEU D 65 5.57 -7.22 -29.49
N LEU D 66 5.57 -6.10 -28.76
CA LEU D 66 6.23 -4.88 -29.22
C LEU D 66 7.50 -4.52 -28.47
N ILE D 67 7.77 -5.12 -27.32
CA ILE D 67 9.04 -4.95 -26.62
C ILE D 67 9.99 -6.06 -27.04
N ARG D 68 11.25 -5.70 -27.27
CA ARG D 68 12.26 -6.68 -27.64
C ARG D 68 12.45 -7.71 -26.53
N LYS D 69 12.59 -8.98 -26.94
CA LYS D 69 12.55 -10.09 -25.98
C LYS D 69 13.69 -10.04 -24.97
N LEU D 70 14.93 -9.99 -25.47
CA LEU D 70 16.08 -10.05 -24.57
C LEU D 70 16.19 -8.89 -23.59
N PRO D 71 16.01 -7.63 -23.97
CA PRO D 71 16.08 -6.56 -22.96
C PRO D 71 15.02 -6.67 -21.89
N PHE D 72 13.83 -7.15 -22.22
CA PHE D 72 12.81 -7.32 -21.20
C PHE D 72 13.16 -8.44 -20.23
N GLN D 73 13.69 -9.55 -20.76
CA GLN D 73 14.11 -10.66 -19.92
C GLN D 73 15.18 -10.25 -18.91
N ARG D 74 16.13 -9.42 -19.34
CA ARG D 74 17.16 -8.94 -18.43
C ARG D 74 16.55 -8.11 -17.30
N LEU D 75 15.57 -7.28 -17.62
CA LEU D 75 14.90 -6.46 -16.61
C LEU D 75 14.21 -7.32 -15.56
N VAL D 76 13.49 -8.35 -15.98
CA VAL D 76 12.81 -9.23 -15.03
C VAL D 76 13.79 -9.86 -14.07
N ARG D 77 14.91 -10.38 -14.59
CA ARG D 77 15.90 -11.03 -13.73
C ARG D 77 16.53 -10.06 -12.76
N GLU D 78 16.76 -8.81 -13.17
CA GLU D 78 17.35 -7.82 -12.27
C GLU D 78 16.44 -7.53 -11.08
N ILE D 79 15.15 -7.37 -11.33
CA ILE D 79 14.22 -7.08 -10.24
C ILE D 79 14.13 -8.26 -9.29
N ALA D 80 14.08 -9.48 -9.83
CA ALA D 80 13.96 -10.68 -9.00
C ALA D 80 15.16 -10.90 -8.09
N GLN D 81 16.36 -10.54 -8.52
CA GLN D 81 17.53 -10.74 -7.66
C GLN D 81 17.41 -9.94 -6.36
N ASP D 82 16.73 -8.80 -6.40
CA ASP D 82 16.59 -8.03 -5.17
C ASP D 82 15.63 -8.68 -4.18
N PHE D 83 14.79 -9.60 -4.62
CA PHE D 83 13.90 -10.28 -3.69
C PHE D 83 14.45 -11.61 -3.19
N LYS D 84 15.14 -12.36 -4.04
CA LYS D 84 15.67 -13.67 -3.64
C LYS D 84 16.75 -14.03 -4.65
N THR D 85 17.95 -14.33 -4.17
CA THR D 85 19.06 -14.63 -5.05
C THR D 85 18.92 -16.04 -5.62
N ASP D 86 19.62 -16.28 -6.73
CA ASP D 86 19.75 -17.61 -7.34
C ASP D 86 18.41 -18.19 -7.82
N LEU D 87 17.56 -17.33 -8.38
CA LEU D 87 16.30 -17.79 -8.96
C LEU D 87 16.50 -18.18 -10.41
N ARG D 88 15.71 -19.15 -10.85
CA ARG D 88 15.62 -19.51 -12.26
C ARG D 88 14.20 -19.25 -12.75
N PHE D 89 14.06 -19.08 -14.06
CA PHE D 89 12.76 -18.82 -14.66
C PHE D 89 12.48 -19.82 -15.76
N GLN D 90 11.28 -20.39 -15.76
CA GLN D 90 10.78 -21.05 -16.96
C GLN D 90 10.62 -20.04 -18.08
N SER D 91 10.87 -20.48 -19.32
CA SER D 91 10.74 -19.58 -20.45
C SER D 91 9.30 -19.07 -20.57
N SER D 92 8.32 -19.91 -20.26
CA SER D 92 6.93 -19.48 -20.33
C SER D 92 6.59 -18.46 -19.26
N ALA D 93 7.33 -18.47 -18.13
CA ALA D 93 7.09 -17.49 -17.09
C ALA D 93 7.48 -16.09 -17.54
N VAL D 94 8.59 -15.95 -18.26
CA VAL D 94 8.99 -14.65 -18.76
C VAL D 94 7.99 -14.15 -19.80
N MET D 95 7.45 -15.06 -20.61
CA MET D 95 6.47 -14.71 -21.63
C MET D 95 5.18 -14.22 -21.03
N ALA D 96 4.76 -14.85 -19.96
CA ALA D 96 3.54 -14.41 -19.27
C ALA D 96 3.72 -13.02 -18.68
N LEU D 97 4.90 -12.72 -18.15
CA LEU D 97 5.14 -11.40 -17.60
C LEU D 97 5.11 -10.33 -18.68
N GLN D 98 5.64 -10.63 -19.86
CA GLN D 98 5.66 -9.63 -20.93
C GLN D 98 4.29 -9.38 -21.51
N GLU D 99 3.48 -10.44 -21.65
CA GLU D 99 2.12 -10.26 -22.12
C GLU D 99 1.33 -9.35 -21.18
N ALA D 100 1.42 -9.61 -19.88
CA ALA D 100 0.68 -8.80 -18.91
C ALA D 100 1.15 -7.35 -18.92
N CYS D 101 2.47 -7.14 -18.97
CA CYS D 101 3.01 -5.79 -18.93
C CYS D 101 2.60 -4.97 -20.15
N GLU D 102 2.64 -5.58 -21.34
CA GLU D 102 2.29 -4.84 -22.54
C GLU D 102 0.80 -4.53 -22.57
N ALA D 103 -0.03 -5.47 -22.13
CA ALA D 103 -1.46 -5.21 -22.05
C ALA D 103 -1.77 -4.08 -21.09
N TYR D 104 -1.06 -4.02 -19.96
CA TYR D 104 -1.31 -2.98 -18.98
C TYR D 104 -0.95 -1.60 -19.53
N LEU D 105 0.22 -1.48 -20.17
CA LEU D 105 0.64 -0.18 -20.69
C LEU D 105 -0.27 0.28 -21.82
N VAL D 106 -0.71 -0.63 -22.69
CA VAL D 106 -1.62 -0.24 -23.76
C VAL D 106 -2.92 0.28 -23.20
N GLY D 107 -3.47 -0.40 -22.20
CA GLY D 107 -4.69 0.07 -21.57
C GLY D 107 -4.50 1.42 -20.90
N LEU D 108 -3.34 1.64 -20.30
CA LEU D 108 -3.05 2.91 -19.64
C LEU D 108 -2.95 4.06 -20.64
N PHE D 109 -2.35 3.81 -21.80
CA PHE D 109 -2.24 4.84 -22.83
C PHE D 109 -3.60 5.24 -23.39
N GLU D 110 -4.57 4.33 -23.43
CA GLU D 110 -5.91 4.72 -23.86
C GLU D 110 -6.51 5.74 -22.90
N ASP D 111 -6.45 5.47 -21.60
CA ASP D 111 -6.98 6.42 -20.61
C ASP D 111 -6.22 7.74 -20.66
N THR D 112 -4.92 7.69 -20.87
CA THR D 112 -4.11 8.91 -20.97
C THR D 112 -4.56 9.76 -22.15
N ASN D 113 -4.86 9.13 -23.29
CA ASN D 113 -5.32 9.88 -24.45
C ASN D 113 -6.62 10.61 -24.17
N LEU D 114 -7.55 9.97 -23.46
CA LEU D 114 -8.81 10.64 -23.14
C LEU D 114 -8.59 11.85 -22.25
N CYS D 115 -7.60 11.81 -21.36
CA CYS D 115 -7.33 12.96 -20.51
C CYS D 115 -6.75 14.12 -21.31
N ALA D 116 -5.87 13.82 -22.27
CA ALA D 116 -5.32 14.88 -23.12
C ALA D 116 -6.40 15.55 -23.95
N ILE D 117 -7.27 14.76 -24.59
CA ILE D 117 -8.36 15.32 -25.39
C ILE D 117 -9.30 16.15 -24.53
N HIS D 118 -9.49 15.74 -23.27
CA HIS D 118 -10.33 16.51 -22.37
C HIS D 118 -9.81 17.94 -22.17
N ALA D 119 -8.48 18.11 -22.17
CA ALA D 119 -7.89 19.42 -22.01
C ALA D 119 -7.68 20.14 -23.34
N LYS D 120 -8.34 19.69 -24.40
CA LYS D 120 -8.26 20.29 -25.73
C LYS D 120 -6.84 20.26 -26.28
N ARG D 121 -6.10 19.19 -25.97
CA ARG D 121 -4.79 18.93 -26.54
C ARG D 121 -4.82 17.62 -27.30
N VAL D 122 -3.79 17.40 -28.12
CA VAL D 122 -3.60 16.13 -28.81
C VAL D 122 -2.32 15.44 -28.40
N THR D 123 -1.49 16.08 -27.59
CA THR D 123 -0.21 15.53 -27.14
C THR D 123 -0.34 15.08 -25.70
N ILE D 124 -0.09 13.79 -25.46
CA ILE D 124 -0.12 13.31 -24.08
C ILE D 124 1.11 13.79 -23.36
N MET D 125 0.95 14.16 -22.09
CA MET D 125 2.01 14.72 -21.27
C MET D 125 2.07 13.99 -19.93
N PRO D 126 3.15 14.15 -19.18
CA PRO D 126 3.24 13.48 -17.88
C PRO D 126 2.04 13.72 -16.98
N LYS D 127 1.49 14.93 -16.97
CA LYS D 127 0.36 15.20 -16.10
C LYS D 127 -0.89 14.44 -16.53
N ASP D 128 -0.96 14.01 -17.79
CA ASP D 128 -2.08 13.20 -18.24
C ASP D 128 -2.02 11.80 -17.65
N ILE D 129 -0.84 11.17 -17.68
CA ILE D 129 -0.67 9.86 -17.07
C ILE D 129 -0.98 9.91 -15.58
N GLN D 130 -0.48 10.92 -14.88
CA GLN D 130 -0.68 11.01 -13.44
C GLN D 130 -2.17 11.12 -13.10
N LEU D 131 -2.93 11.90 -13.86
CA LEU D 131 -4.36 12.00 -13.58
C LEU D 131 -5.07 10.67 -13.81
N ALA D 132 -4.74 9.98 -14.90
CA ALA D 132 -5.37 8.69 -15.18
C ALA D 132 -5.12 7.69 -14.06
N ARG D 133 -3.88 7.58 -13.60
CA ARG D 133 -3.55 6.64 -12.54
C ARG D 133 -4.22 7.00 -11.22
N ARG D 134 -4.38 8.29 -10.93
CA ARG D 134 -5.05 8.67 -9.70
C ARG D 134 -6.51 8.25 -9.69
N ILE D 135 -7.22 8.48 -10.80
CA ILE D 135 -8.63 8.13 -10.85
C ILE D 135 -8.84 6.62 -10.91
N ARG D 136 -7.94 5.90 -11.57
CA ARG D 136 -8.01 4.45 -11.56
C ARG D 136 -7.81 3.88 -10.16
N GLY D 137 -7.17 4.62 -9.26
CA GLY D 137 -6.90 4.13 -7.92
C GLY D 137 -5.59 3.38 -7.76
N GLU D 138 -4.64 3.58 -8.65
CA GLU D 138 -3.35 2.92 -8.54
C GLU D 138 -2.35 3.71 -7.70
N ARG D 139 -2.69 4.93 -7.29
CA ARG D 139 -1.74 5.72 -6.52
C ARG D 139 -2.43 6.66 -5.53
N ALA D 140 -3.75 6.54 -5.33
CA ALA D 140 -4.52 7.33 -4.37
C ALA D 140 -4.05 8.78 -4.23
N ARG E 28 22.58 -3.94 -13.72
CA ARG E 28 22.24 -2.56 -13.42
C ARG E 28 21.81 -1.83 -14.68
N ASP E 29 20.96 -0.82 -14.52
CA ASP E 29 20.49 0.07 -15.60
C ASP E 29 19.76 -0.69 -16.70
N ASN E 30 19.20 -1.85 -16.40
CA ASN E 30 18.51 -2.60 -17.44
C ASN E 30 17.13 -2.04 -17.74
N ILE E 31 16.67 -1.04 -16.98
CA ILE E 31 15.42 -0.37 -17.29
C ILE E 31 15.55 0.44 -18.58
N GLN E 32 16.77 0.83 -18.93
CA GLN E 32 17.02 1.60 -20.14
C GLN E 32 16.86 0.76 -21.40
N GLY E 33 16.73 -0.56 -21.27
CA GLY E 33 16.45 -1.41 -22.42
C GLY E 33 15.07 -1.24 -22.98
N ILE E 34 14.14 -0.66 -22.22
CA ILE E 34 12.83 -0.28 -22.75
C ILE E 34 13.04 1.04 -23.49
N THR E 35 13.45 0.93 -24.75
CA THR E 35 13.95 2.07 -25.51
C THR E 35 12.81 3.00 -25.92
N LYS E 36 13.20 4.19 -26.38
CA LYS E 36 12.24 5.18 -26.85
C LYS E 36 11.33 4.68 -27.97
N PRO E 37 11.80 3.99 -29.01
CA PRO E 37 10.85 3.50 -30.01
C PRO E 37 9.91 2.43 -29.51
N ALA E 38 10.34 1.60 -28.56
CA ALA E 38 9.44 0.58 -28.02
C ALA E 38 8.26 1.20 -27.29
N ILE E 39 8.49 2.26 -26.52
CA ILE E 39 7.40 2.90 -25.79
C ILE E 39 6.46 3.61 -26.76
N ARG E 40 7.00 4.21 -27.80
CA ARG E 40 6.17 4.83 -28.83
C ARG E 40 5.25 3.82 -29.50
N ARG E 41 5.78 2.64 -29.86
CA ARG E 41 4.93 1.62 -30.46
C ARG E 41 3.75 1.26 -29.56
N LEU E 42 3.99 1.10 -28.27
CA LEU E 42 2.88 0.79 -27.36
C LEU E 42 1.85 1.90 -27.33
N ALA E 43 2.31 3.15 -27.41
CA ALA E 43 1.37 4.28 -27.40
C ALA E 43 0.52 4.31 -28.67
N ARG E 44 1.12 3.94 -29.80
CA ARG E 44 0.37 3.89 -31.05
C ARG E 44 -0.77 2.89 -30.97
N ARG E 45 -0.52 1.71 -30.41
CA ARG E 45 -1.59 0.74 -30.27
C ARG E 45 -2.72 1.26 -29.39
N GLY E 46 -2.43 2.15 -28.47
CA GLY E 46 -3.45 2.75 -27.65
C GLY E 46 -4.13 3.95 -28.28
N GLY E 47 -3.79 4.26 -29.53
CA GLY E 47 -4.46 5.31 -30.26
C GLY E 47 -3.89 6.70 -30.06
N VAL E 48 -2.69 6.81 -29.53
CA VAL E 48 -2.07 8.11 -29.25
C VAL E 48 -1.38 8.59 -30.51
N LYS E 49 -1.63 9.84 -30.89
CA LYS E 49 -1.09 10.39 -32.13
C LYS E 49 0.18 11.20 -31.94
N ARG E 50 0.32 11.94 -30.84
CA ARG E 50 1.47 12.81 -30.64
C ARG E 50 1.93 12.66 -29.20
N ILE E 51 3.23 12.63 -28.98
CA ILE E 51 3.80 12.24 -27.69
C ILE E 51 4.84 13.24 -27.24
N SER E 52 4.67 13.79 -26.04
CA SER E 52 5.64 14.72 -25.49
C SER E 52 6.93 14.01 -25.11
N GLY E 53 8.04 14.74 -25.20
CA GLY E 53 9.34 14.17 -24.94
C GLY E 53 9.53 13.57 -23.56
N LEU E 54 8.82 14.09 -22.56
CA LEU E 54 9.03 13.60 -21.20
C LEU E 54 8.24 12.34 -20.88
N ILE E 55 7.35 11.90 -21.78
CA ILE E 55 6.56 10.70 -21.52
C ILE E 55 7.46 9.49 -21.32
N TYR E 56 8.56 9.42 -22.07
CA TYR E 56 9.35 8.19 -22.10
C TYR E 56 9.94 7.87 -20.73
N GLU E 57 10.50 8.88 -20.07
CA GLU E 57 11.05 8.64 -18.73
C GLU E 57 9.95 8.33 -17.73
N GLU E 58 8.80 8.99 -17.86
CA GLU E 58 7.67 8.69 -16.98
C GLU E 58 7.20 7.25 -17.13
N THR E 59 7.15 6.76 -18.37
CA THR E 59 6.66 5.40 -18.61
C THR E 59 7.58 4.35 -18.00
N ARG E 60 8.89 4.55 -18.10
CA ARG E 60 9.80 3.57 -17.50
C ARG E 60 9.56 3.44 -16.00
N GLY E 61 9.35 4.56 -15.32
CA GLY E 61 9.13 4.49 -13.88
C GLY E 61 7.86 3.78 -13.49
N VAL E 62 6.76 4.05 -14.22
CA VAL E 62 5.49 3.38 -13.89
C VAL E 62 5.59 1.89 -14.19
N LEU E 63 6.25 1.52 -15.29
CA LEU E 63 6.40 0.10 -15.61
C LEU E 63 7.15 -0.65 -14.52
N LYS E 64 8.23 -0.04 -14.01
CA LYS E 64 9.04 -0.71 -12.99
C LYS E 64 8.21 -1.01 -11.75
N VAL E 65 7.37 -0.05 -11.33
CA VAL E 65 6.53 -0.27 -10.16
C VAL E 65 5.62 -1.46 -10.38
N PHE E 66 5.01 -1.57 -11.56
CA PHE E 66 4.13 -2.70 -11.85
C PHE E 66 4.88 -4.02 -11.75
N LEU E 67 6.05 -4.12 -12.38
CA LEU E 67 6.82 -5.36 -12.34
C LEU E 67 7.17 -5.75 -10.91
N GLU E 68 7.63 -4.79 -10.11
CA GLU E 68 7.98 -5.10 -8.73
C GLU E 68 6.83 -5.80 -8.02
N ASN E 69 5.60 -5.31 -8.18
CA ASN E 69 4.46 -5.89 -7.49
C ASN E 69 4.18 -7.32 -7.93
N VAL E 70 4.22 -7.59 -9.24
CA VAL E 70 3.90 -8.94 -9.71
C VAL E 70 5.00 -9.92 -9.34
N ILE E 71 6.25 -9.55 -9.58
CA ILE E 71 7.37 -10.44 -9.27
C ILE E 71 7.43 -10.71 -7.78
N ARG E 72 7.15 -9.69 -6.95
CA ARG E 72 7.14 -9.86 -5.51
C ARG E 72 6.19 -10.98 -5.10
N ASP E 73 4.98 -10.99 -5.67
CA ASP E 73 4.02 -12.03 -5.36
C ASP E 73 4.42 -13.37 -5.94
N ALA E 74 4.94 -13.37 -7.17
CA ALA E 74 5.35 -14.61 -7.82
C ALA E 74 6.40 -15.35 -6.99
N VAL E 75 7.45 -14.64 -6.57
CA VAL E 75 8.49 -15.28 -5.78
C VAL E 75 7.94 -15.81 -4.47
N THR E 76 6.96 -15.12 -3.88
CA THR E 76 6.37 -15.62 -2.64
C THR E 76 5.73 -16.98 -2.83
N TYR E 77 5.07 -17.21 -3.97
CA TYR E 77 4.54 -18.53 -4.24
C TYR E 77 5.66 -19.54 -4.44
N THR E 78 6.69 -19.15 -5.20
CA THR E 78 7.83 -20.04 -5.44
C THR E 78 8.49 -20.48 -4.14
N GLU E 79 8.80 -19.53 -3.26
CA GLU E 79 9.44 -19.89 -2.00
C GLU E 79 8.56 -20.82 -1.17
N HIS E 80 7.26 -20.57 -1.15
CA HIS E 80 6.36 -21.39 -0.36
C HIS E 80 6.33 -22.83 -0.83
N ALA E 81 6.47 -23.07 -2.13
CA ALA E 81 6.51 -24.41 -2.68
C ALA E 81 7.88 -25.07 -2.58
N LYS E 82 8.84 -24.39 -1.96
CA LYS E 82 10.22 -24.87 -1.86
C LYS E 82 10.82 -25.15 -3.24
N ARG E 83 10.47 -24.36 -4.24
CA ARG E 83 11.05 -24.46 -5.56
C ARG E 83 12.07 -23.37 -5.79
N LYS E 84 12.91 -23.57 -6.80
CA LYS E 84 13.88 -22.57 -7.20
C LYS E 84 13.61 -21.97 -8.57
N THR E 85 12.58 -22.44 -9.27
CA THR E 85 12.21 -21.96 -10.60
C THR E 85 10.83 -21.32 -10.53
N VAL E 86 10.72 -20.08 -10.97
CA VAL E 86 9.43 -19.42 -11.02
C VAL E 86 8.67 -19.98 -12.20
N THR E 87 7.51 -20.58 -11.92
CA THR E 87 6.70 -21.22 -12.94
C THR E 87 5.67 -20.25 -13.53
N ALA E 88 5.10 -20.64 -14.66
CA ALA E 88 4.04 -19.85 -15.28
C ALA E 88 2.84 -19.73 -14.36
N MET E 89 2.54 -20.79 -13.60
CA MET E 89 1.42 -20.75 -12.68
C MET E 89 1.65 -19.76 -11.55
N ASP E 90 2.89 -19.62 -11.10
CA ASP E 90 3.20 -18.59 -10.11
C ASP E 90 2.81 -17.21 -10.61
N VAL E 91 3.17 -16.87 -11.84
CA VAL E 91 2.81 -15.57 -12.39
C VAL E 91 1.30 -15.43 -12.55
N VAL E 92 0.64 -16.48 -13.06
CA VAL E 92 -0.81 -16.39 -13.27
C VAL E 92 -1.54 -16.17 -11.95
N TYR E 93 -1.16 -16.90 -10.90
CA TYR E 93 -1.77 -16.72 -9.60
C TYR E 93 -1.50 -15.32 -9.04
N ALA E 94 -0.28 -14.81 -9.24
CA ALA E 94 0.04 -13.48 -8.75
C ALA E 94 -0.80 -12.42 -9.46
N LEU E 95 -0.93 -12.51 -10.78
CA LEU E 95 -1.77 -11.57 -11.52
C LEU E 95 -3.22 -11.67 -11.12
N LYS E 96 -3.71 -12.89 -10.89
CA LYS E 96 -5.12 -13.08 -10.52
C LYS E 96 -5.46 -12.34 -9.24
N ARG E 97 -4.65 -12.48 -8.20
CA ARG E 97 -5.00 -11.89 -6.92
C ARG E 97 -4.94 -10.37 -6.96
N GLN E 98 -4.35 -9.78 -7.98
CA GLN E 98 -4.33 -8.34 -8.18
C GLN E 98 -5.40 -7.87 -9.15
N GLY E 99 -6.28 -8.76 -9.58
CA GLY E 99 -7.35 -8.40 -10.49
C GLY E 99 -6.90 -8.13 -11.90
N ARG E 100 -5.85 -8.82 -12.36
CA ARG E 100 -5.41 -8.79 -13.74
C ARG E 100 -5.45 -10.19 -14.35
N THR E 101 -6.56 -10.91 -14.16
CA THR E 101 -6.69 -12.28 -14.64
C THR E 101 -6.17 -12.45 -16.05
N LEU E 102 -5.31 -13.46 -16.25
CA LEU E 102 -4.68 -13.69 -17.54
C LEU E 102 -5.11 -15.05 -18.08
N TYR E 103 -5.61 -15.07 -19.31
CA TYR E 103 -5.96 -16.29 -20.01
C TYR E 103 -4.85 -16.69 -20.96
N GLY E 104 -4.63 -18.00 -21.10
CA GLY E 104 -3.76 -18.52 -22.13
C GLY E 104 -2.51 -19.21 -21.65
N PHE E 105 -2.23 -19.25 -20.34
CA PHE E 105 -1.02 -19.89 -19.83
C PHE E 105 -1.36 -20.90 -18.75
N GLY E 106 -2.59 -21.38 -18.74
CA GLY E 106 -3.02 -22.45 -17.86
C GLY E 106 -4.05 -21.90 -16.88
N GLY E 107 -4.16 -22.53 -15.72
CA GLY E 107 -5.09 -22.06 -14.72
C GLY E 107 -6.50 -22.61 -14.89
N ARG F 34 -34.59 -17.98 23.26
CA ARG F 34 -33.72 -17.08 22.53
C ARG F 34 -32.76 -17.81 21.60
N SER F 35 -31.76 -17.08 21.13
CA SER F 35 -30.71 -17.56 20.24
C SER F 35 -29.40 -16.96 20.72
N ARG F 36 -28.29 -17.66 20.46
CA ARG F 36 -27.02 -17.16 20.93
C ARG F 36 -26.10 -16.71 19.80
N LYS F 37 -25.56 -15.49 19.95
CA LYS F 37 -24.67 -14.85 18.99
C LYS F 37 -23.22 -14.83 19.49
N GLU F 38 -22.28 -14.88 18.57
CA GLU F 38 -20.86 -14.81 18.90
C GLU F 38 -20.29 -13.45 18.49
N SER F 39 -19.37 -12.89 19.28
CA SER F 39 -18.79 -11.61 18.89
C SER F 39 -17.46 -11.41 19.60
N TYR F 40 -16.63 -10.55 19.02
CA TYR F 40 -15.34 -10.18 19.59
C TYR F 40 -15.41 -8.97 20.52
N SER F 41 -16.57 -8.69 21.11
CA SER F 41 -16.71 -7.48 21.91
C SER F 41 -15.80 -7.50 23.13
N ILE F 42 -15.89 -8.57 23.93
CA ILE F 42 -15.14 -8.62 25.18
C ILE F 42 -13.64 -8.58 24.93
N TYR F 43 -13.17 -9.20 23.84
CA TYR F 43 -11.75 -9.29 23.56
C TYR F 43 -11.15 -7.98 23.04
N VAL F 44 -11.89 -7.28 22.17
CA VAL F 44 -11.47 -5.97 21.71
C VAL F 44 -11.32 -5.00 22.87
N TYR F 45 -12.23 -5.06 23.84
CA TYR F 45 -12.13 -4.16 24.98
C TYR F 45 -10.90 -4.46 25.84
N LYS F 46 -10.54 -5.74 25.97
CA LYS F 46 -9.32 -6.09 26.70
C LYS F 46 -8.08 -5.48 26.07
N VAL F 47 -7.95 -5.63 24.75
CA VAL F 47 -6.79 -5.08 24.04
C VAL F 47 -6.71 -3.57 24.20
N LEU F 48 -7.87 -2.91 24.22
CA LEU F 48 -7.93 -1.47 24.41
C LEU F 48 -7.33 -1.05 25.76
N LYS F 49 -7.86 -1.57 26.86
CA LYS F 49 -7.35 -1.25 28.18
C LYS F 49 -5.87 -1.55 28.38
N GLN F 50 -5.21 -2.26 27.47
CA GLN F 50 -3.76 -2.39 27.57
C GLN F 50 -3.01 -1.26 26.89
N VAL F 51 -3.54 -0.70 25.80
CA VAL F 51 -2.83 0.33 25.07
C VAL F 51 -3.28 1.74 25.46
N HIS F 52 -4.35 1.87 26.23
CA HIS F 52 -4.92 3.16 26.57
C HIS F 52 -5.78 3.00 27.83
N PRO F 53 -5.16 2.85 29.00
CA PRO F 53 -5.90 2.34 30.16
C PRO F 53 -7.12 3.15 30.58
N ASP F 54 -7.35 4.33 29.99
CA ASP F 54 -8.46 5.20 30.41
C ASP F 54 -9.56 5.37 29.37
N THR F 55 -9.23 5.45 28.09
CA THR F 55 -10.26 5.74 27.09
C THR F 55 -11.19 4.55 26.90
N GLY F 56 -12.48 4.80 26.97
CA GLY F 56 -13.48 3.81 26.63
C GLY F 56 -13.66 3.69 25.13
N ILE F 57 -14.82 3.18 24.73
CA ILE F 57 -15.16 3.06 23.33
C ILE F 57 -16.66 3.02 23.14
N SER F 58 -17.18 3.83 22.22
CA SER F 58 -18.62 3.91 22.02
C SER F 58 -19.15 2.62 21.41
N SER F 59 -20.48 2.45 21.52
CA SER F 59 -21.10 1.23 21.03
C SER F 59 -20.95 1.08 19.53
N LYS F 60 -21.22 2.16 18.78
CA LYS F 60 -21.13 2.10 17.32
C LYS F 60 -19.72 1.79 16.86
N ALA F 61 -18.71 2.31 17.57
CA ALA F 61 -17.32 1.99 17.27
C ALA F 61 -17.01 0.52 17.52
N MET F 62 -17.64 -0.10 18.51
CA MET F 62 -17.45 -1.53 18.76
C MET F 62 -18.01 -2.36 17.61
N GLY F 63 -19.12 -1.95 17.03
CA GLY F 63 -19.64 -2.64 15.87
C GLY F 63 -18.69 -2.60 14.69
N ILE F 64 -18.05 -1.45 14.47
CA ILE F 64 -17.10 -1.32 13.37
C ILE F 64 -15.90 -2.24 13.59
N MET F 65 -15.45 -2.38 14.84
CA MET F 65 -14.30 -3.25 15.10
C MET F 65 -14.66 -4.72 14.92
N ASN F 66 -15.86 -5.13 15.31
CA ASN F 66 -16.32 -6.49 15.01
C ASN F 66 -16.24 -6.78 13.52
N SER F 67 -16.80 -5.89 12.69
CA SER F 67 -16.79 -6.13 11.26
C SER F 67 -15.37 -6.19 10.72
N PHE F 68 -14.49 -5.34 11.24
CA PHE F 68 -13.10 -5.33 10.76
C PHE F 68 -12.40 -6.64 11.07
N VAL F 69 -12.55 -7.15 12.30
CA VAL F 69 -11.90 -8.39 12.68
C VAL F 69 -12.44 -9.54 11.84
N ASN F 70 -13.76 -9.61 11.67
CA ASN F 70 -14.35 -10.68 10.86
C ASN F 70 -13.86 -10.63 9.42
N ASP F 71 -13.74 -9.42 8.86
CA ASP F 71 -13.31 -9.28 7.47
C ASP F 71 -11.88 -9.78 7.28
N ILE F 72 -10.96 -9.38 8.16
CA ILE F 72 -9.56 -9.79 8.03
C ILE F 72 -9.42 -11.30 8.24
N PHE F 73 -10.20 -11.86 9.15
CA PHE F 73 -10.18 -13.31 9.33
C PHE F 73 -10.52 -14.03 8.04
N GLU F 74 -11.55 -13.57 7.34
CA GLU F 74 -11.95 -14.20 6.09
C GLU F 74 -10.85 -14.12 5.04
N ARG F 75 -10.22 -12.95 4.90
CA ARG F 75 -9.17 -12.81 3.90
C ARG F 75 -8.00 -13.75 4.16
N ILE F 76 -7.48 -13.77 5.39
CA ILE F 76 -6.31 -14.59 5.67
C ILE F 76 -6.65 -16.06 5.50
N ALA F 77 -7.79 -16.48 6.07
CA ALA F 77 -8.19 -17.87 5.97
C ALA F 77 -8.44 -18.28 4.52
N GLY F 78 -9.12 -17.41 3.76
CA GLY F 78 -9.40 -17.73 2.37
C GLY F 78 -8.14 -17.87 1.54
N GLU F 79 -7.16 -17.00 1.76
CA GLU F 79 -5.91 -17.07 1.01
C GLU F 79 -5.12 -18.32 1.39
N ALA F 80 -5.15 -18.70 2.66
CA ALA F 80 -4.48 -19.91 3.09
C ALA F 80 -5.10 -21.15 2.46
N SER F 81 -6.41 -21.15 2.26
CA SER F 81 -7.05 -22.30 1.63
C SER F 81 -6.61 -22.48 0.18
N ARG F 82 -6.52 -21.39 -0.59
CA ARG F 82 -6.04 -21.50 -1.96
C ARG F 82 -4.59 -21.96 -2.05
N LEU F 83 -3.76 -21.60 -1.06
CA LEU F 83 -2.39 -22.11 -1.05
C LEU F 83 -2.38 -23.63 -0.88
N ALA F 84 -3.09 -24.14 0.12
CA ALA F 84 -3.14 -25.58 0.32
C ALA F 84 -3.62 -26.31 -0.95
N HIS F 85 -4.57 -25.71 -1.67
CA HIS F 85 -5.09 -26.37 -2.86
C HIS F 85 -4.11 -26.30 -4.03
N TYR F 86 -3.37 -25.20 -4.16
CA TYR F 86 -2.39 -25.11 -5.23
C TYR F 86 -1.25 -26.11 -5.04
N ASN F 87 -0.78 -26.26 -3.81
CA ASN F 87 0.33 -27.16 -3.51
C ASN F 87 -0.14 -28.58 -3.23
N LYS F 88 -1.40 -28.88 -3.50
CA LYS F 88 -1.97 -30.22 -3.38
C LYS F 88 -1.96 -30.76 -1.96
N ARG F 89 -1.58 -29.94 -0.98
CA ARG F 89 -1.72 -30.31 0.41
C ARG F 89 -3.19 -30.38 0.81
N SER F 90 -3.43 -30.82 2.05
CA SER F 90 -4.77 -30.87 2.60
C SER F 90 -4.80 -30.37 4.03
N THR F 91 -3.86 -29.52 4.43
CA THR F 91 -3.74 -29.06 5.80
C THR F 91 -3.31 -27.61 5.84
N ILE F 92 -4.07 -26.79 6.55
CA ILE F 92 -3.70 -25.39 6.80
C ILE F 92 -2.80 -25.41 8.04
N THR F 93 -1.49 -25.52 7.83
CA THR F 93 -0.56 -25.47 8.95
C THR F 93 -0.33 -24.01 9.32
N SER F 94 0.67 -23.72 10.16
CA SER F 94 0.98 -22.33 10.49
C SER F 94 1.58 -21.63 9.28
N ARG F 95 2.54 -22.29 8.62
CA ARG F 95 3.30 -21.62 7.57
C ARG F 95 2.38 -21.23 6.43
N GLU F 96 1.28 -21.95 6.25
CA GLU F 96 0.29 -21.55 5.27
C GLU F 96 -0.32 -20.22 5.66
N ILE F 97 -0.62 -20.03 6.95
CA ILE F 97 -1.09 -18.75 7.46
C ILE F 97 -0.04 -17.67 7.28
N GLN F 98 1.23 -18.03 7.47
CA GLN F 98 2.32 -17.06 7.34
C GLN F 98 2.47 -16.56 5.91
N THR F 99 2.40 -17.44 4.92
CA THR F 99 2.50 -16.99 3.55
C THR F 99 1.30 -16.13 3.15
N ALA F 100 0.12 -16.48 3.67
CA ALA F 100 -1.07 -15.66 3.41
C ALA F 100 -0.91 -14.26 3.99
N VAL F 101 -0.30 -14.14 5.17
CA VAL F 101 -0.09 -12.83 5.77
C VAL F 101 0.92 -12.02 4.97
N ARG F 102 1.95 -12.67 4.45
CA ARG F 102 2.90 -11.98 3.59
C ARG F 102 2.24 -11.46 2.32
N LEU F 103 1.20 -12.14 1.83
CA LEU F 103 0.55 -11.72 0.61
C LEU F 103 -0.39 -10.54 0.86
N LEU F 104 -1.28 -10.67 1.84
CA LEU F 104 -2.33 -9.68 2.04
C LEU F 104 -1.77 -8.34 2.52
N LEU F 105 -1.13 -8.34 3.68
CA LEU F 105 -0.79 -7.08 4.33
C LEU F 105 0.31 -6.34 3.56
N PRO F 106 0.23 -5.02 3.48
CA PRO F 106 1.29 -4.23 2.84
C PRO F 106 2.61 -4.33 3.59
N GLY F 107 3.65 -3.79 2.95
CA GLY F 107 5.04 -4.00 3.30
C GLY F 107 5.39 -3.97 4.77
N GLU F 108 5.25 -2.81 5.40
CA GLU F 108 5.74 -2.63 6.76
C GLU F 108 4.89 -3.39 7.78
N LEU F 109 3.56 -3.37 7.60
CA LEU F 109 2.69 -4.20 8.41
C LEU F 109 3.05 -5.68 8.33
N ALA F 110 3.42 -6.16 7.14
CA ALA F 110 3.78 -7.57 7.00
C ALA F 110 4.94 -7.98 7.90
N LYS F 111 5.99 -7.17 7.95
CA LYS F 111 7.16 -7.55 8.74
C LYS F 111 6.82 -7.67 10.22
N HIS F 112 5.82 -6.94 10.68
CA HIS F 112 5.48 -6.93 12.10
C HIS F 112 4.53 -8.06 12.46
N ALA F 113 3.53 -8.33 11.63
CA ALA F 113 2.57 -9.37 11.97
C ALA F 113 3.22 -10.75 11.94
N VAL F 114 4.12 -11.00 10.99
CA VAL F 114 4.83 -12.27 10.97
C VAL F 114 5.62 -12.46 12.26
N SER F 115 6.35 -11.42 12.68
CA SER F 115 7.11 -11.50 13.92
C SER F 115 6.20 -11.78 15.11
N GLU F 116 5.07 -11.07 15.20
CA GLU F 116 4.17 -11.27 16.33
C GLU F 116 3.64 -12.70 16.35
N GLY F 117 3.20 -13.19 15.19
CA GLY F 117 2.66 -14.55 15.14
C GLY F 117 3.70 -15.61 15.44
N THR F 118 4.90 -15.47 14.89
CA THR F 118 5.98 -16.42 15.17
C THR F 118 6.29 -16.47 16.65
N LYS F 119 6.34 -15.30 17.30
CA LYS F 119 6.58 -15.27 18.73
C LYS F 119 5.51 -16.04 19.50
N ALA F 120 4.25 -15.87 19.12
CA ALA F 120 3.17 -16.55 19.82
C ALA F 120 3.26 -18.05 19.69
N VAL F 121 3.55 -18.55 18.49
CA VAL F 121 3.66 -20.00 18.31
C VAL F 121 4.83 -20.57 19.10
N THR F 122 5.98 -19.88 19.07
CA THR F 122 7.13 -20.36 19.84
C THR F 122 6.83 -20.42 21.33
N LYS F 123 6.12 -19.42 21.86
CA LYS F 123 5.79 -19.46 23.27
C LYS F 123 4.74 -20.52 23.57
N TYR F 124 3.84 -20.78 22.64
CA TYR F 124 2.79 -21.76 22.88
C TYR F 124 3.35 -23.18 22.90
N THR F 125 4.19 -23.49 21.91
CA THR F 125 4.78 -24.82 21.82
C THR F 125 5.48 -25.22 23.12
N SER F 126 6.42 -24.39 23.57
CA SER F 126 7.22 -24.71 24.75
C SER F 126 6.67 -23.95 25.95
N SER I 28 49.19 15.98 44.10
CA SER I 28 47.73 15.92 44.12
C SER I 28 47.16 16.19 42.73
N ALA I 29 47.40 17.40 42.23
CA ALA I 29 46.99 17.83 40.89
C ALA I 29 45.48 17.82 40.72
N LEU I 30 44.74 17.55 41.80
CA LEU I 30 43.29 17.37 41.76
C LEU I 30 42.90 16.44 40.62
N ARG I 31 43.36 15.19 40.74
CA ARG I 31 43.17 14.20 39.69
C ARG I 31 41.70 13.89 39.42
N VAL I 32 40.77 14.47 40.19
CA VAL I 32 39.36 14.31 39.90
C VAL I 32 38.99 14.98 38.58
N GLU I 33 39.85 15.83 38.04
CA GLU I 33 39.60 16.37 36.71
C GLU I 33 39.49 15.25 35.69
N GLU I 34 40.31 14.21 35.85
CA GLU I 34 40.14 13.00 35.05
C GLU I 34 38.78 12.37 35.32
N VAL I 35 38.33 12.40 36.58
CA VAL I 35 36.99 11.92 36.89
C VAL I 35 35.95 12.78 36.18
N GLN I 36 36.10 14.12 36.24
CA GLN I 36 35.24 14.96 35.42
C GLN I 36 35.47 14.75 33.93
N ASN I 37 36.70 14.40 33.53
CA ASN I 37 36.90 13.98 32.15
C ASN I 37 36.07 12.74 31.83
N VAL I 38 36.01 11.80 32.77
CA VAL I 38 35.15 10.63 32.59
C VAL I 38 33.69 11.05 32.52
N ILE I 39 33.26 11.90 33.47
CA ILE I 39 31.86 12.32 33.45
C ILE I 39 31.58 13.20 32.24
N ASN I 40 32.57 13.94 31.76
CA ASN I 40 32.38 14.71 30.53
C ASN I 40 32.14 13.78 29.35
N ALA I 41 32.77 12.60 29.35
CA ALA I 41 32.49 11.63 28.32
C ALA I 41 31.13 10.97 28.49
N MET I 42 30.55 11.04 29.69
CA MET I 42 29.28 10.37 29.95
C MET I 42 28.14 10.95 29.12
N GLN I 43 27.96 12.28 29.16
CA GLN I 43 26.82 12.87 28.46
C GLN I 43 26.97 12.72 26.96
N LYS I 44 28.20 12.80 26.45
CA LYS I 44 28.41 12.80 25.01
C LYS I 44 28.01 11.48 24.35
N ILE I 45 27.79 10.42 25.14
CA ILE I 45 27.22 9.19 24.63
C ILE I 45 25.74 9.18 24.96
N LEU I 46 25.39 9.84 26.06
CA LEU I 46 24.02 9.84 26.58
C LEU I 46 23.33 11.18 26.32
N GLU I 47 23.59 11.77 25.16
CA GLU I 47 22.98 13.04 24.75
C GLU I 47 22.24 12.83 23.44
N CYS I 48 21.14 13.55 23.27
CA CYS I 48 20.45 13.52 22.00
C CYS I 48 21.34 14.11 20.90
N PRO I 49 21.45 13.46 19.75
CA PRO I 49 22.19 14.07 18.63
C PRO I 49 21.39 15.08 17.82
N ILE I 50 20.12 15.31 18.15
CA ILE I 50 19.27 16.27 17.43
C ILE I 50 19.00 17.51 18.27
N CYS I 51 18.30 17.34 19.39
CA CYS I 51 17.98 18.46 20.25
C CYS I 51 19.02 18.69 21.34
N LEU I 52 20.03 17.81 21.45
CA LEU I 52 21.20 18.02 22.30
C LEU I 52 20.82 18.35 23.73
N GLU I 53 19.82 17.64 24.24
CA GLU I 53 19.49 17.65 25.65
C GLU I 53 19.82 16.28 26.24
N LEU I 54 19.64 16.14 27.55
CA LEU I 54 19.69 14.82 28.13
C LEU I 54 18.60 13.96 27.51
N ILE I 55 18.87 12.66 27.39
CA ILE I 55 17.91 11.78 26.74
C ILE I 55 16.62 11.81 27.55
N LYS I 56 15.59 12.44 26.99
CA LYS I 56 14.35 12.66 27.73
C LYS I 56 13.55 11.37 27.83
N GLU I 57 13.19 10.79 26.68
CA GLU I 57 12.58 9.48 26.61
C GLU I 57 13.23 8.72 25.46
N PRO I 58 14.13 7.79 25.76
CA PRO I 58 14.94 7.17 24.70
C PRO I 58 14.10 6.36 23.74
N VAL I 59 14.52 6.37 22.47
CA VAL I 59 13.90 5.57 21.42
C VAL I 59 15.00 5.12 20.47
N SER I 60 15.15 3.81 20.32
CA SER I 60 16.15 3.25 19.43
C SER I 60 15.58 3.13 18.02
N THR I 61 16.43 2.71 17.09
CA THR I 61 16.00 2.43 15.72
C THR I 61 16.51 1.07 15.31
N LYS I 62 16.33 0.70 14.04
CA LYS I 62 16.96 -0.52 13.55
C LYS I 62 18.47 -0.41 13.61
N CYS I 63 19.00 0.76 13.26
CA CYS I 63 20.44 1.05 13.31
C CYS I 63 20.94 1.30 14.71
N ASP I 64 20.09 1.12 15.72
CA ASP I 64 20.49 1.24 17.12
C ASP I 64 21.02 2.64 17.43
N HIS I 65 20.35 3.65 16.91
CA HIS I 65 20.65 5.04 17.25
C HIS I 65 19.56 5.58 18.16
N ILE I 66 19.97 6.33 19.18
CA ILE I 66 19.10 6.70 20.28
C ILE I 66 18.73 8.18 20.18
N PHE I 67 17.48 8.48 20.52
CA PHE I 67 16.93 9.83 20.37
C PHE I 67 15.95 10.07 21.51
N CYS I 68 15.10 11.09 21.39
CA CYS I 68 14.22 11.50 22.47
C CYS I 68 12.75 11.38 22.15
N LYS I 69 12.37 11.01 20.91
CA LYS I 69 11.00 10.68 20.54
C LYS I 69 10.12 11.92 20.60
N PHE I 70 10.70 13.07 20.95
CA PHE I 70 10.05 14.33 20.67
C PHE I 70 10.73 15.03 19.51
N CYS I 71 12.06 15.04 19.51
CA CYS I 71 12.82 15.45 18.33
C CYS I 71 12.59 14.50 17.17
N MET I 72 12.24 13.24 17.43
CA MET I 72 11.87 12.34 16.34
C MET I 72 10.51 12.67 15.75
N LEU I 73 9.46 12.67 16.57
CA LEU I 73 8.16 13.02 16.05
C LEU I 73 8.12 14.44 15.49
N LYS I 74 9.00 15.32 15.99
CA LYS I 74 9.17 16.61 15.33
C LYS I 74 9.92 16.46 14.01
N LEU I 75 10.64 15.36 13.82
CA LEU I 75 11.33 15.09 12.57
C LEU I 75 10.49 14.29 11.58
N LEU I 76 9.50 13.53 12.06
CA LEU I 76 8.79 12.58 11.22
C LEU I 76 7.50 13.14 10.63
N ASN I 77 6.79 14.00 11.35
CA ASN I 77 5.45 14.39 10.92
C ASN I 77 5.49 15.30 9.70
N GLN I 78 6.58 16.03 9.48
CA GLN I 78 6.67 16.94 8.34
C GLN I 78 7.06 16.25 7.04
N LYS I 79 7.31 14.94 7.06
CA LYS I 79 7.61 14.18 5.87
C LYS I 79 6.46 13.24 5.56
N LYS I 80 5.96 13.27 4.33
CA LYS I 80 4.90 12.38 3.88
C LYS I 80 5.54 11.20 3.16
N GLY I 81 6.00 10.23 3.94
CA GLY I 81 6.67 9.08 3.42
C GLY I 81 7.87 8.71 4.26
N PRO I 82 8.65 7.73 3.80
CA PRO I 82 9.83 7.30 4.57
C PRO I 82 10.83 8.43 4.75
N SER I 83 11.43 8.48 5.93
CA SER I 83 12.40 9.51 6.29
C SER I 83 13.79 8.91 6.30
N GLN I 84 14.77 9.73 6.69
CA GLN I 84 16.17 9.36 6.67
C GLN I 84 16.74 9.49 8.07
N CYS I 85 17.55 8.51 8.47
CA CYS I 85 18.14 8.53 9.80
C CYS I 85 19.08 9.72 9.91
N PRO I 86 19.03 10.47 11.02
CA PRO I 86 19.89 11.66 11.15
C PRO I 86 21.37 11.33 11.16
N LEU I 87 21.75 10.09 11.49
CA LEU I 87 23.16 9.76 11.61
C LEU I 87 23.67 8.91 10.45
N CYS I 88 23.09 7.74 10.20
CA CYS I 88 23.69 6.79 9.28
C CYS I 88 22.81 6.45 8.09
N LYS I 89 21.59 5.98 8.30
CA LYS I 89 20.88 5.19 7.30
C LYS I 89 19.60 5.89 6.84
N ASN I 90 18.79 5.15 6.10
CA ASN I 90 17.55 5.62 5.52
C ASN I 90 16.36 4.92 6.20
N ASP I 91 15.16 5.24 5.71
CA ASP I 91 13.95 4.48 5.98
C ASP I 91 13.66 4.39 7.48
N ILE I 92 13.35 5.55 8.05
CA ILE I 92 12.86 5.64 9.43
C ILE I 92 11.36 5.86 9.40
N THR I 93 10.64 5.11 10.22
CA THR I 93 9.19 5.19 10.28
C THR I 93 8.74 5.07 11.73
N LYS I 94 7.57 5.63 12.03
CA LYS I 94 7.07 5.60 13.40
C LYS I 94 6.92 4.18 13.91
N ARG I 95 6.44 3.26 13.06
CA ARG I 95 6.38 1.85 13.44
C ARG I 95 7.79 1.28 13.61
N SER I 96 8.73 1.70 12.76
CA SER I 96 10.06 1.10 12.78
C SER I 96 10.75 1.30 14.12
N LEU I 97 10.63 2.49 14.69
CA LEU I 97 11.23 2.73 15.99
C LEU I 97 10.46 2.00 17.08
N GLN I 98 11.13 1.80 18.21
CA GLN I 98 10.53 1.13 19.35
C GLN I 98 11.00 1.81 20.63
N GLU I 99 10.11 1.85 21.62
CA GLU I 99 10.44 2.46 22.90
C GLU I 99 11.51 1.62 23.58
N SER I 100 12.74 2.13 23.60
CA SER I 100 13.85 1.37 24.16
C SER I 100 13.71 1.24 25.67
N THR I 101 13.69 2.36 26.38
CA THR I 101 13.66 2.37 27.84
C THR I 101 14.81 1.53 28.39
N ARG I 102 15.94 1.57 27.69
CA ARG I 102 17.18 1.00 28.18
C ARG I 102 18.14 2.06 28.70
N PHE I 103 18.03 3.29 28.18
CA PHE I 103 18.87 4.39 28.60
C PHE I 103 18.17 5.37 29.54
N SER I 104 16.83 5.36 29.57
CA SER I 104 16.11 6.26 30.46
C SER I 104 16.55 6.07 31.90
N GLN I 105 16.60 4.82 32.35
CA GLN I 105 17.11 4.53 33.68
C GLN I 105 18.62 4.75 33.78
N LEU I 106 19.32 4.67 32.65
CA LEU I 106 20.73 5.05 32.66
C LEU I 106 20.91 6.55 32.87
N VAL I 107 20.01 7.36 32.30
CA VAL I 107 20.13 8.81 32.41
C VAL I 107 20.01 9.25 33.86
N GLU I 108 18.96 8.80 34.54
CA GLU I 108 18.77 9.19 35.94
C GLU I 108 19.89 8.66 36.81
N GLU I 109 20.49 7.53 36.43
CA GLU I 109 21.68 7.04 37.13
C GLU I 109 22.84 8.03 36.98
N LEU I 110 23.03 8.56 35.77
CA LEU I 110 24.15 9.46 35.52
C LEU I 110 24.04 10.74 36.36
N LEU I 111 22.83 11.30 36.45
CA LEU I 111 22.63 12.47 37.30
C LEU I 111 22.94 12.13 38.76
N LYS I 112 22.55 10.94 39.21
CA LYS I 112 22.89 10.49 40.55
C LYS I 112 24.41 10.38 40.72
N ILE I 113 25.10 9.88 39.70
CA ILE I 113 26.57 9.79 39.76
C ILE I 113 27.17 11.17 39.94
N ILE I 114 26.70 12.15 39.19
CA ILE I 114 27.20 13.52 39.33
C ILE I 114 26.82 14.07 40.70
N CYS I 115 25.59 13.82 41.14
CA CYS I 115 25.08 14.46 42.35
C CYS I 115 25.92 14.10 43.58
N ALA I 116 26.34 12.85 43.68
CA ALA I 116 27.15 12.43 44.82
C ALA I 116 28.53 13.10 44.80
N PHE I 117 29.00 13.50 43.62
CA PHE I 117 30.34 14.09 43.53
C PHE I 117 30.45 15.39 44.30
N GLN I 118 29.51 16.32 44.09
CA GLN I 118 29.59 17.60 44.77
C GLN I 118 29.40 17.45 46.27
N LEU I 119 28.54 16.52 46.69
CA LEU I 119 28.32 16.30 48.11
C LEU I 119 29.59 15.83 48.80
N ASP I 120 30.34 14.94 48.15
CA ASP I 120 31.53 14.34 48.74
C ASP I 120 32.83 14.88 48.17
N THR I 121 32.78 15.96 47.39
CA THR I 121 33.98 16.60 46.89
C THR I 121 33.72 18.05 46.53
N SER J 19 13.35 27.12 19.58
CA SER J 19 14.30 26.32 20.36
C SER J 19 15.71 26.36 19.77
N ALA J 20 15.85 26.77 18.51
CA ALA J 20 17.19 26.97 17.95
C ALA J 20 18.04 27.91 18.82
N LEU J 21 17.42 28.90 19.45
CA LEU J 21 18.15 29.79 20.34
C LEU J 21 18.74 29.02 21.50
N LYS J 22 17.93 28.14 22.11
CA LYS J 22 18.41 27.33 23.23
C LYS J 22 19.47 26.34 22.77
N ARG J 23 19.36 25.83 21.54
CA ARG J 23 20.37 24.92 21.03
C ARG J 23 21.71 25.62 20.88
N ILE J 24 21.68 26.84 20.38
CA ILE J 24 22.91 27.61 20.18
C ILE J 24 23.47 28.06 21.51
N ASN J 25 22.62 28.30 22.52
CA ASN J 25 23.15 28.58 23.85
C ASN J 25 23.97 27.41 24.38
N LYS J 26 23.41 26.19 24.30
CA LYS J 26 24.19 25.02 24.72
C LYS J 26 25.37 24.81 23.78
N GLU J 27 25.23 25.17 22.51
CA GLU J 27 26.36 25.07 21.59
C GLU J 27 27.48 26.00 22.03
N LEU J 28 27.15 27.25 22.35
CA LEU J 28 28.15 28.15 22.89
C LEU J 28 28.74 27.58 24.17
N SER J 29 27.88 26.98 25.02
CA SER J 29 28.38 26.42 26.27
C SER J 29 29.26 25.20 26.00
N ASP J 30 28.91 24.42 24.97
CA ASP J 30 29.72 23.26 24.64
C ASP J 30 31.02 23.69 23.98
N LEU J 31 30.96 24.70 23.10
CA LEU J 31 32.16 25.27 22.51
C LEU J 31 33.02 25.97 23.56
N ALA J 32 32.42 26.40 24.66
CA ALA J 32 33.15 27.00 25.78
C ALA J 32 33.87 25.92 26.58
N ARG J 33 33.16 24.86 26.94
CA ARG J 33 33.73 23.73 27.65
C ARG J 33 34.56 22.82 26.74
N ASP J 34 34.67 23.14 25.46
CA ASP J 34 35.51 22.39 24.53
C ASP J 34 35.93 23.30 23.39
N PRO J 35 37.13 23.86 23.46
CA PRO J 35 37.61 24.77 22.41
C PRO J 35 37.96 24.00 21.15
N PRO J 36 37.49 24.45 19.99
CA PRO J 36 37.80 23.73 18.75
C PRO J 36 39.19 24.10 18.25
N ALA J 37 39.64 23.39 17.21
CA ALA J 37 41.00 23.54 16.74
C ALA J 37 41.25 24.83 15.97
N GLN J 38 41.65 25.89 16.66
CA GLN J 38 42.12 27.13 16.02
C GLN J 38 41.00 27.80 15.23
N CYS J 39 39.84 27.95 15.87
CA CYS J 39 38.72 28.68 15.32
C CYS J 39 37.84 29.16 16.46
N SER J 40 37.25 30.34 16.29
CA SER J 40 36.40 30.91 17.32
C SER J 40 35.10 31.43 16.71
N ALA J 41 34.11 31.64 17.58
CA ALA J 41 32.78 32.07 17.16
C ALA J 41 32.25 33.11 18.14
N GLY J 42 31.19 33.81 17.71
CA GLY J 42 30.50 34.76 18.54
C GLY J 42 29.29 35.34 17.85
N PRO J 43 28.47 36.09 18.59
CA PRO J 43 27.29 36.74 17.98
C PRO J 43 27.66 37.94 17.13
N VAL J 44 26.67 38.64 16.61
CA VAL J 44 26.89 39.86 15.85
C VAL J 44 26.62 41.10 16.70
N GLY J 45 26.71 40.98 18.02
CA GLY J 45 26.26 42.06 18.87
C GLY J 45 25.40 41.52 19.99
N ASP J 46 24.13 41.95 19.99
CA ASP J 46 23.10 41.37 20.84
C ASP J 46 21.99 40.74 20.02
N ASP J 47 22.20 40.56 18.72
CA ASP J 47 21.28 39.84 17.85
C ASP J 47 21.75 38.40 17.69
N MET J 48 20.85 37.45 17.92
CA MET J 48 21.24 36.06 18.04
C MET J 48 21.17 35.30 16.71
N PHE J 49 20.25 35.68 15.83
CA PHE J 49 20.01 34.97 14.58
C PHE J 49 21.06 35.27 13.51
N HIS J 50 22.15 35.95 13.85
CA HIS J 50 23.32 36.07 13.01
C HIS J 50 24.57 35.74 13.81
N TRP J 51 25.67 35.46 13.11
CA TRP J 51 26.84 34.92 13.76
C TRP J 51 28.10 35.36 13.03
N GLN J 52 29.12 35.72 13.81
CA GLN J 52 30.44 36.11 13.33
C GLN J 52 31.49 35.17 13.90
N ALA J 53 32.32 34.59 13.03
CA ALA J 53 33.31 33.64 13.48
C ALA J 53 34.62 33.91 12.76
N THR J 54 35.69 33.30 13.25
CA THR J 54 37.01 33.42 12.66
C THR J 54 37.69 32.06 12.58
N ILE J 55 38.42 31.85 11.49
CA ILE J 55 39.25 30.65 11.34
C ILE J 55 40.67 31.06 10.95
N MET J 56 41.60 30.16 11.22
CA MET J 56 43.03 30.37 10.99
C MET J 56 43.46 29.34 9.96
N GLY J 57 44.48 29.68 9.16
CA GLY J 57 44.85 28.84 8.03
C GLY J 57 45.49 27.50 8.36
N PRO J 58 44.95 26.45 7.75
CA PRO J 58 45.57 25.13 7.83
C PRO J 58 46.71 25.00 6.84
N ASN J 59 47.67 24.12 7.18
CA ASN J 59 48.81 23.94 6.29
C ASN J 59 48.52 22.94 5.18
N ASP J 60 47.54 22.06 5.37
CA ASP J 60 47.14 21.14 4.31
C ASP J 60 46.17 21.85 3.37
N SER J 61 46.52 23.04 2.88
CA SER J 61 45.63 23.84 2.06
C SER J 61 46.37 25.07 1.56
N PRO J 62 45.96 25.64 0.43
CA PRO J 62 46.53 26.89 -0.07
C PRO J 62 46.07 28.15 0.66
N TYR J 63 45.44 28.03 1.82
CA TYR J 63 44.83 29.16 2.50
C TYR J 63 45.41 29.42 3.89
N GLN J 64 46.71 29.15 4.07
CA GLN J 64 47.28 29.35 5.39
C GLN J 64 47.41 30.84 5.70
N GLY J 65 47.51 31.14 7.00
CA GLY J 65 47.71 32.47 7.52
C GLY J 65 46.55 33.43 7.38
N GLY J 66 45.50 33.06 6.65
CA GLY J 66 44.37 33.93 6.45
C GLY J 66 43.37 33.93 7.59
N VAL J 67 43.31 34.99 8.40
CA VAL J 67 42.24 35.07 9.40
C VAL J 67 40.92 35.32 8.67
N PHE J 68 40.10 34.28 8.58
CA PHE J 68 38.89 34.32 7.75
C PHE J 68 37.65 34.57 8.60
N PHE J 69 36.96 35.69 8.34
CA PHE J 69 35.67 35.96 8.96
C PHE J 69 34.55 35.20 8.26
N LEU J 70 33.63 34.70 9.08
CA LEU J 70 32.46 33.96 8.62
C LEU J 70 31.23 34.62 9.18
N THR J 71 30.34 35.10 8.31
CA THR J 71 29.04 35.57 8.72
C THR J 71 28.04 34.46 8.43
N ILE J 72 27.15 34.21 9.38
CA ILE J 72 26.23 33.07 9.28
C ILE J 72 24.84 33.55 9.64
N HIS J 73 23.86 33.19 8.80
CA HIS J 73 22.45 33.42 9.06
C HIS J 73 21.72 32.08 9.19
N PHE J 74 20.89 31.97 10.23
CA PHE J 74 20.15 30.77 10.61
C PHE J 74 18.67 30.94 10.30
N PRO J 75 18.02 29.88 9.81
CA PRO J 75 16.55 29.88 9.76
C PRO J 75 15.95 29.74 11.14
N THR J 76 14.62 29.66 11.22
CA THR J 76 13.94 29.60 12.50
C THR J 76 13.87 28.19 13.07
N ASP J 77 14.02 27.17 12.24
CA ASP J 77 13.87 25.78 12.67
C ASP J 77 15.21 25.05 12.72
N TYR J 78 16.28 25.75 13.09
CA TYR J 78 17.55 25.09 13.35
C TYR J 78 17.36 24.06 14.46
N PRO J 79 17.77 22.80 14.24
CA PRO J 79 18.53 22.34 13.09
C PRO J 79 17.75 21.57 12.01
N PHE J 80 16.58 22.06 11.60
CA PHE J 80 15.82 21.39 10.55
C PHE J 80 16.18 21.92 9.16
N LYS J 81 15.96 23.22 8.93
CA LYS J 81 16.54 23.68 7.67
C LYS J 81 17.97 24.16 7.86
N PRO J 82 18.77 24.12 6.79
CA PRO J 82 20.19 24.40 6.92
C PRO J 82 20.48 25.89 7.00
N PRO J 83 21.43 26.28 7.83
CA PRO J 83 21.91 27.66 7.84
C PRO J 83 22.67 28.01 6.57
N LYS J 84 23.01 29.29 6.45
CA LYS J 84 23.72 29.83 5.30
C LYS J 84 24.89 30.65 5.81
N VAL J 85 25.97 30.71 5.01
CA VAL J 85 27.21 31.35 5.44
C VAL J 85 27.74 32.21 4.31
N ALA J 86 28.66 33.11 4.66
CA ALA J 86 29.29 34.06 3.75
C ALA J 86 30.66 34.41 4.32
N PHE J 87 31.64 34.58 3.43
CA PHE J 87 33.00 34.91 3.82
C PHE J 87 33.30 36.33 3.38
N THR J 88 33.85 37.13 4.30
CA THR J 88 34.07 38.54 4.00
C THR J 88 35.37 38.76 3.25
N THR J 89 36.00 37.69 2.77
CA THR J 89 37.27 37.76 2.09
C THR J 89 37.09 37.33 0.63
N ARG J 90 37.70 38.06 -0.28
CA ARG J 90 37.85 37.57 -1.64
C ARG J 90 38.94 36.49 -1.63
N ILE J 91 38.51 35.24 -1.68
CA ILE J 91 39.38 34.10 -1.41
C ILE J 91 39.53 33.32 -2.71
N TYR J 92 40.79 33.00 -3.05
CA TYR J 92 41.10 32.25 -4.26
C TYR J 92 40.70 30.79 -4.08
N HIS J 93 39.40 30.55 -4.16
CA HIS J 93 38.77 29.26 -3.97
C HIS J 93 37.94 28.91 -5.20
N PRO J 94 37.95 27.65 -5.64
CA PRO J 94 37.17 27.28 -6.83
C PRO J 94 35.67 27.47 -6.66
N ASN J 95 35.16 27.51 -5.43
CA ASN J 95 33.74 27.68 -5.17
C ASN J 95 33.41 28.97 -4.44
N ILE J 96 34.15 29.29 -3.38
CA ILE J 96 33.84 30.45 -2.53
C ILE J 96 34.04 31.72 -3.36
N ASN J 97 32.95 32.41 -3.68
CA ASN J 97 32.98 33.59 -4.53
C ASN J 97 33.34 34.86 -3.74
N SER J 98 33.22 36.00 -4.42
CA SER J 98 33.53 37.27 -3.78
C SER J 98 32.54 37.59 -2.66
N ASN J 99 31.31 37.08 -2.76
CA ASN J 99 30.36 37.24 -1.68
C ASN J 99 30.62 36.26 -0.54
N GLY J 100 31.64 35.41 -0.67
CA GLY J 100 31.98 34.40 0.31
C GLY J 100 31.05 33.22 0.42
N SER J 101 29.98 33.16 -0.38
CA SER J 101 29.08 32.03 -0.30
C SER J 101 29.75 30.77 -0.84
N ILE J 102 29.34 29.61 -0.30
CA ILE J 102 29.92 28.33 -0.70
C ILE J 102 28.79 27.42 -1.17
N CYS J 103 28.96 26.83 -2.35
CA CYS J 103 28.03 25.81 -2.87
C CYS J 103 28.29 24.50 -2.13
N LEU J 104 27.68 24.36 -0.96
CA LEU J 104 27.91 23.21 -0.09
C LEU J 104 26.60 22.45 0.04
N ASP J 105 26.56 21.23 -0.50
CA ASP J 105 25.33 20.42 -0.45
C ASP J 105 24.90 20.12 0.98
N ILE J 106 25.86 19.91 1.90
CA ILE J 106 25.49 19.65 3.30
C ILE J 106 25.12 20.92 4.04
N LEU J 107 25.14 22.08 3.37
CA LEU J 107 24.77 23.34 3.97
C LEU J 107 23.50 23.93 3.36
N ARG J 108 23.05 23.38 2.24
CA ARG J 108 21.81 23.77 1.59
C ARG J 108 20.83 22.60 1.46
N SER J 109 21.27 21.47 0.91
CA SER J 109 20.36 20.42 0.49
C SER J 109 20.55 19.10 1.23
N GLN J 110 21.74 18.82 1.79
CA GLN J 110 22.01 17.56 2.45
C GLN J 110 22.14 17.73 3.96
N TRP J 111 21.71 18.85 4.50
CA TRP J 111 21.84 19.14 5.92
C TRP J 111 21.03 18.18 6.78
N SER J 112 21.71 17.34 7.54
CA SER J 112 21.01 16.44 8.44
C SER J 112 20.82 17.11 9.81
N PRO J 113 19.66 16.95 10.43
CA PRO J 113 19.39 17.69 11.68
C PRO J 113 20.24 17.26 12.85
N ALA J 114 21.14 16.28 12.69
CA ALA J 114 22.05 15.92 13.77
C ALA J 114 23.33 16.75 13.82
N LEU J 115 23.63 17.53 12.80
CA LEU J 115 24.88 18.28 12.78
C LEU J 115 24.78 19.51 13.68
N THR J 116 25.94 20.11 13.95
CA THR J 116 26.06 21.32 14.73
C THR J 116 27.00 22.27 14.01
N ILE J 117 27.22 23.44 14.60
CA ILE J 117 28.03 24.46 13.94
C ILE J 117 29.50 24.05 13.89
N SER J 118 30.04 23.47 14.97
CA SER J 118 31.43 23.06 14.92
C SER J 118 31.67 21.98 13.87
N LYS J 119 30.68 21.11 13.65
CA LYS J 119 30.76 20.12 12.58
C LYS J 119 30.99 20.76 11.22
N VAL J 120 30.12 21.70 10.82
CA VAL J 120 30.27 22.36 9.53
C VAL J 120 31.53 23.19 9.48
N LEU J 121 31.94 23.77 10.60
CA LEU J 121 33.16 24.57 10.62
C LEU J 121 34.39 23.73 10.27
N LEU J 122 34.52 22.55 10.88
CA LEU J 122 35.63 21.69 10.51
C LEU J 122 35.43 21.08 9.13
N SER J 123 34.18 20.85 8.73
CA SER J 123 33.90 20.36 7.39
C SER J 123 34.32 21.37 6.32
N ILE J 124 34.12 22.67 6.58
CA ILE J 124 34.55 23.66 5.61
C ILE J 124 36.06 23.84 5.70
N CYS J 125 36.62 23.66 6.91
CA CYS J 125 38.07 23.62 7.03
C CYS J 125 38.63 22.49 6.17
N SER J 126 37.97 21.33 6.18
CA SER J 126 38.40 20.24 5.31
C SER J 126 38.18 20.62 3.85
N LEU J 127 37.01 21.18 3.52
CA LEU J 127 36.78 21.65 2.17
C LEU J 127 37.81 22.71 1.79
N LEU J 128 38.31 23.46 2.78
CA LEU J 128 39.44 24.35 2.55
C LEU J 128 40.72 23.55 2.39
N CYS J 129 40.87 22.48 3.20
CA CYS J 129 42.01 21.58 3.07
C CYS J 129 42.05 20.94 1.69
N ASP J 130 40.90 20.46 1.22
CA ASP J 130 40.80 19.88 -0.13
C ASP J 130 39.80 20.71 -0.93
N PRO J 131 40.28 21.59 -1.82
CA PRO J 131 39.37 22.37 -2.66
C PRO J 131 38.62 21.49 -3.64
N ASN J 132 37.36 21.84 -3.88
CA ASN J 132 36.52 21.06 -4.79
C ASN J 132 36.23 21.86 -6.05
N PRO J 133 36.87 21.54 -7.17
CA PRO J 133 36.55 22.21 -8.44
C PRO J 133 35.40 21.58 -9.22
N ASP J 134 34.60 20.71 -8.59
CA ASP J 134 33.57 20.00 -9.33
C ASP J 134 32.37 20.91 -9.60
N ASP J 135 31.93 21.63 -8.58
CA ASP J 135 30.80 22.57 -8.73
C ASP J 135 31.31 23.98 -8.48
N PRO J 136 31.64 24.74 -9.51
CA PRO J 136 32.24 26.05 -9.32
C PRO J 136 31.19 27.15 -9.32
N LEU J 137 31.59 28.31 -8.80
CA LEU J 137 30.79 29.52 -8.95
C LEU J 137 31.59 30.69 -9.51
N VAL J 138 32.91 30.66 -9.43
CA VAL J 138 33.78 31.63 -10.06
C VAL J 138 34.62 30.92 -11.11
N PRO J 139 34.63 31.40 -12.35
CA PRO J 139 35.24 30.63 -13.45
C PRO J 139 36.76 30.57 -13.41
N GLU J 140 37.42 31.71 -13.21
CA GLU J 140 38.87 31.75 -13.40
C GLU J 140 39.61 30.99 -12.30
N ILE J 141 39.18 31.16 -11.04
CA ILE J 141 39.84 30.44 -9.94
C ILE J 141 39.80 28.94 -10.18
N ALA J 142 38.61 28.40 -10.45
CA ALA J 142 38.46 26.97 -10.64
C ALA J 142 39.22 26.48 -11.87
N ARG J 143 39.25 27.29 -12.93
CA ARG J 143 39.96 26.88 -14.14
C ARG J 143 41.45 26.80 -13.90
N ILE J 144 42.04 27.86 -13.34
CA ILE J 144 43.46 27.84 -13.00
C ILE J 144 43.75 26.75 -11.97
N TYR J 145 42.80 26.45 -11.09
CA TYR J 145 42.97 25.33 -10.17
C TYR J 145 43.10 24.01 -10.92
N LYS J 146 42.14 23.72 -11.81
CA LYS J 146 42.11 22.51 -12.61
C LYS J 146 43.18 22.46 -13.71
N THR J 147 44.04 23.46 -13.86
CA THR J 147 45.12 23.38 -14.83
C THR J 147 46.50 23.32 -14.19
N ASP J 148 46.79 24.23 -13.29
CA ASP J 148 48.11 24.38 -12.66
C ASP J 148 47.97 24.54 -11.17
N ARG J 149 48.71 23.73 -10.42
CA ARG J 149 48.70 23.73 -8.96
C ARG J 149 49.75 24.66 -8.36
N ASP J 150 50.90 24.82 -9.01
CA ASP J 150 51.93 25.66 -8.41
C ASP J 150 51.48 27.11 -8.39
N LYS J 151 51.10 27.65 -9.55
CA LYS J 151 50.62 29.04 -9.62
C LYS J 151 49.30 29.24 -8.88
N TYR J 152 48.44 28.22 -8.84
CA TYR J 152 47.23 28.35 -8.01
C TYR J 152 47.63 28.56 -6.56
N ASN J 153 48.56 27.73 -6.07
CA ASN J 153 49.07 27.90 -4.72
C ASN J 153 49.66 29.30 -4.56
N ARG J 154 50.43 29.77 -5.55
CA ARG J 154 51.04 31.08 -5.44
C ARG J 154 49.98 32.17 -5.33
N ILE J 155 48.97 32.12 -6.20
CA ILE J 155 47.93 33.15 -6.21
C ILE J 155 47.06 33.07 -4.95
N SER J 156 46.71 31.86 -4.53
CA SER J 156 45.93 31.68 -3.31
C SER J 156 46.63 32.27 -2.09
N ARG J 157 47.92 31.98 -1.94
CA ARG J 157 48.64 32.50 -0.78
C ARG J 157 48.73 34.03 -0.82
N GLU J 158 48.94 34.60 -2.01
CA GLU J 158 49.04 36.05 -2.14
C GLU J 158 47.75 36.75 -1.73
N TRP J 159 46.60 36.23 -2.16
CA TRP J 159 45.35 36.86 -1.76
C TRP J 159 45.14 36.78 -0.25
N THR J 160 45.43 35.63 0.34
CA THR J 160 45.29 35.47 1.79
C THR J 160 46.19 36.42 2.58
N GLN J 161 47.43 36.66 2.13
CA GLN J 161 48.26 37.64 2.85
C GLN J 161 47.65 39.03 2.76
N LYS J 162 47.15 39.41 1.58
CA LYS J 162 46.57 40.74 1.43
C LYS J 162 45.39 40.97 2.37
N TYR J 163 44.45 40.02 2.42
CA TYR J 163 43.26 40.24 3.24
C TYR J 163 43.40 39.71 4.66
N ALA J 164 44.60 39.31 5.09
CA ALA J 164 44.76 38.93 6.49
C ALA J 164 46.01 39.45 7.16
N MET J 165 46.99 39.97 6.42
CA MET J 165 48.19 40.54 7.03
C MET J 165 48.57 41.86 6.37
N GLY K 7 34.49 5.74 54.51
CA GLY K 7 35.13 6.70 53.62
C GLY K 7 35.92 6.06 52.51
N ALA K 8 36.99 6.74 52.08
CA ALA K 8 37.83 6.29 50.97
C ALA K 8 37.01 6.04 49.71
N TRP K 9 36.16 7.01 49.37
CA TRP K 9 35.28 6.95 48.20
C TRP K 9 34.35 5.75 48.27
N ALA K 10 33.92 5.37 49.47
CA ALA K 10 32.92 4.32 49.60
C ALA K 10 31.59 4.75 49.00
N HIS K 11 31.29 6.05 49.03
CA HIS K 11 30.11 6.56 48.35
C HIS K 11 30.20 6.30 46.85
N SER K 12 31.38 6.49 46.26
CA SER K 12 31.56 6.26 44.84
C SER K 12 31.35 4.79 44.49
N ARG K 13 31.87 3.88 45.32
CA ARG K 13 31.72 2.47 45.05
C ARG K 13 30.25 2.05 45.07
N ALA K 14 29.49 2.55 46.04
CA ALA K 14 28.06 2.30 46.04
C ALA K 14 27.38 2.94 44.83
N ALA K 15 27.78 4.17 44.49
CA ALA K 15 27.22 4.83 43.32
C ALA K 15 27.60 4.09 42.03
N LEU K 16 28.85 3.63 41.94
CA LEU K 16 29.29 2.92 40.75
C LEU K 16 28.56 1.60 40.60
N ASP K 17 28.48 0.82 41.69
CA ASP K 17 27.86 -0.50 41.62
C ASP K 17 26.40 -0.41 41.18
N ARG K 18 25.73 0.69 41.53
CA ARG K 18 24.36 0.90 41.08
C ARG K 18 24.27 0.99 39.56
N LEU K 19 25.35 1.45 38.91
CA LEU K 19 25.36 1.50 37.46
C LEU K 19 25.47 0.11 36.85
N GLU K 20 26.36 -0.72 37.38
CA GLU K 20 26.63 -2.02 36.76
C GLU K 20 25.49 -3.01 36.97
N LYS K 21 24.65 -2.80 38.00
CA LYS K 21 23.46 -3.61 38.12
C LYS K 21 22.48 -3.36 36.99
N LEU K 22 22.67 -2.26 36.25
CA LEU K 22 21.88 -1.94 35.07
C LEU K 22 22.54 -2.42 33.78
N LEU K 23 23.72 -3.03 33.87
CA LEU K 23 24.51 -3.41 32.71
C LEU K 23 24.84 -4.90 32.76
N ARG K 24 23.82 -5.71 33.00
CA ARG K 24 23.97 -7.15 33.13
C ARG K 24 23.38 -7.86 31.91
N CYS K 25 24.13 -8.81 31.37
CA CYS K 25 23.61 -9.69 30.34
C CYS K 25 22.43 -10.49 30.87
N SER K 26 21.39 -10.64 30.04
CA SER K 26 20.22 -11.39 30.45
C SER K 26 20.45 -12.90 30.44
N ARG K 27 21.60 -13.36 29.94
CA ARG K 27 22.05 -14.73 30.13
C ARG K 27 23.36 -14.82 30.89
N CYS K 28 24.39 -14.10 30.45
CA CYS K 28 25.71 -14.21 31.08
C CYS K 28 25.68 -13.67 32.50
N THR K 29 24.83 -12.68 32.79
CA THR K 29 24.62 -12.14 34.12
C THR K 29 25.92 -11.55 34.70
N ASN K 30 26.86 -11.22 33.83
CA ASN K 30 28.16 -10.68 34.24
C ASN K 30 28.45 -9.40 33.48
N ILE K 31 29.70 -8.93 33.54
CA ILE K 31 30.10 -7.78 32.74
C ILE K 31 30.00 -8.19 31.28
N LEU K 32 29.02 -7.62 30.57
CA LEU K 32 28.73 -8.08 29.23
C LEU K 32 29.75 -7.54 28.25
N ARG K 33 30.43 -8.43 27.54
CA ARG K 33 31.46 -8.08 26.58
C ARG K 33 30.88 -8.18 25.17
N GLU K 34 31.29 -7.23 24.33
CA GLU K 34 30.75 -6.99 22.98
C GLU K 34 29.24 -7.18 22.97
N PRO K 35 28.49 -6.30 23.64
CA PRO K 35 27.03 -6.47 23.68
C PRO K 35 26.41 -6.34 22.30
N VAL K 36 25.32 -7.08 22.11
CA VAL K 36 24.62 -7.06 20.83
C VAL K 36 23.13 -7.26 21.10
N CYS K 37 22.31 -6.47 20.41
CA CYS K 37 20.87 -6.67 20.38
C CYS K 37 20.47 -7.08 18.98
N LEU K 38 19.69 -8.16 18.88
CA LEU K 38 19.36 -8.75 17.59
C LEU K 38 18.12 -8.17 16.96
N GLY K 39 17.56 -7.12 17.55
CA GLY K 39 16.45 -6.41 16.93
C GLY K 39 15.12 -7.07 17.14
N GLY K 40 14.09 -6.28 17.45
CA GLY K 40 12.76 -6.79 17.71
C GLY K 40 12.37 -6.82 19.17
N CYS K 41 13.30 -6.61 20.09
CA CYS K 41 12.98 -6.64 21.50
C CYS K 41 13.96 -5.72 22.25
N GLU K 42 13.74 -5.61 23.55
CA GLU K 42 14.54 -4.78 24.43
C GLU K 42 15.78 -5.48 24.97
N HIS K 43 15.95 -6.77 24.69
CA HIS K 43 16.96 -7.57 25.35
C HIS K 43 18.32 -7.42 24.70
N ILE K 44 19.35 -7.30 25.53
CA ILE K 44 20.75 -7.28 25.08
C ILE K 44 21.49 -8.37 25.83
N PHE K 45 22.38 -9.07 25.13
CA PHE K 45 23.13 -10.17 25.71
C PHE K 45 24.63 -10.01 25.43
N CYS K 46 25.39 -11.06 25.73
CA CYS K 46 26.77 -11.17 25.27
C CYS K 46 26.78 -11.84 23.90
N SER K 47 27.68 -11.37 23.02
CA SER K 47 27.69 -11.87 21.66
C SER K 47 27.94 -13.36 21.59
N ASN K 48 28.65 -13.92 22.57
CA ASN K 48 28.96 -15.34 22.55
C ASN K 48 27.70 -16.19 22.68
N CYS K 49 26.79 -15.79 23.57
CA CYS K 49 25.70 -16.67 24.00
C CYS K 49 24.43 -16.52 23.15
N VAL K 50 24.44 -15.70 22.12
CA VAL K 50 23.28 -15.56 21.24
C VAL K 50 23.58 -15.90 19.79
N SER K 51 24.83 -15.83 19.35
CA SER K 51 25.15 -16.20 17.96
C SER K 51 24.71 -17.62 17.66
N ASP K 52 24.62 -18.48 18.68
CA ASP K 52 24.09 -19.82 18.49
C ASP K 52 22.58 -19.79 18.33
N CYS K 53 21.88 -19.00 19.14
CA CYS K 53 20.43 -19.01 19.23
C CYS K 53 19.76 -18.04 18.24
N ILE K 54 20.45 -17.69 17.15
CA ILE K 54 19.85 -16.81 16.16
C ILE K 54 18.67 -17.48 15.46
N GLY K 55 18.74 -18.80 15.26
CA GLY K 55 17.65 -19.50 14.61
C GLY K 55 16.38 -19.52 15.45
N THR K 56 16.52 -19.69 16.77
CA THR K 56 15.36 -19.80 17.64
C THR K 56 14.90 -18.46 18.21
N GLY K 57 15.60 -17.37 17.91
CA GLY K 57 15.20 -16.06 18.36
C GLY K 57 15.70 -15.71 19.75
N CYS K 58 15.05 -14.72 20.34
CA CYS K 58 15.44 -14.24 21.66
C CYS K 58 15.07 -15.29 22.72
N PRO K 59 16.01 -15.74 23.55
CA PRO K 59 15.70 -16.76 24.54
C PRO K 59 14.95 -16.25 25.76
N VAL K 60 14.44 -15.02 25.74
CA VAL K 60 13.65 -14.49 26.85
C VAL K 60 12.30 -14.04 26.31
N CYS K 61 12.31 -13.20 25.28
CA CYS K 61 11.08 -12.73 24.67
C CYS K 61 10.40 -13.79 23.80
N TYR K 62 11.16 -14.73 23.27
CA TYR K 62 10.77 -15.61 22.16
C TYR K 62 10.54 -14.84 20.88
N THR K 63 10.92 -13.56 20.84
CA THR K 63 10.80 -12.76 19.64
C THR K 63 11.79 -13.27 18.59
N PRO K 64 11.39 -13.44 17.34
CA PRO K 64 12.32 -13.95 16.32
C PRO K 64 13.46 -12.98 16.09
N ALA K 65 14.59 -13.53 15.66
CA ALA K 65 15.69 -12.69 15.21
C ALA K 65 15.25 -11.90 13.98
N TRP K 66 15.65 -10.63 13.93
CA TRP K 66 15.27 -9.77 12.82
C TRP K 66 16.39 -9.56 11.81
N ILE K 67 17.65 -9.64 12.22
CA ILE K 67 18.78 -9.36 11.35
C ILE K 67 19.77 -10.52 11.42
N GLN K 68 20.36 -10.86 10.28
CA GLN K 68 21.25 -12.02 10.21
C GLN K 68 22.58 -11.75 10.91
N ASP K 69 23.18 -10.58 10.67
CA ASP K 69 24.43 -10.28 11.33
C ASP K 69 24.18 -9.78 12.75
N LEU K 70 25.26 -9.65 13.51
CA LEU K 70 25.19 -9.16 14.88
C LEU K 70 26.08 -7.92 14.98
N LYS K 71 25.52 -6.77 14.63
CA LYS K 71 26.25 -5.51 14.79
C LYS K 71 26.41 -5.19 16.26
N ILE K 72 27.57 -4.66 16.63
CA ILE K 72 27.88 -4.36 18.03
C ILE K 72 27.59 -2.90 18.29
N ASN K 73 26.71 -2.63 19.25
CA ASN K 73 26.30 -1.26 19.55
C ASN K 73 27.46 -0.50 20.17
N ARG K 74 27.91 0.56 19.48
CA ARG K 74 29.08 1.31 19.94
C ARG K 74 28.80 2.01 21.26
N GLN K 75 27.59 2.57 21.42
CA GLN K 75 27.27 3.29 22.64
C GLN K 75 27.32 2.37 23.86
N LEU K 76 26.80 1.16 23.72
CA LEU K 76 26.91 0.18 24.80
C LEU K 76 28.33 -0.32 24.95
N ASP K 77 29.12 -0.33 23.87
CA ASP K 77 30.53 -0.60 23.99
C ASP K 77 31.23 0.47 24.82
N SER K 78 30.93 1.74 24.55
CA SER K 78 31.63 2.84 25.21
C SER K 78 31.37 2.82 26.71
N MET K 79 30.13 2.58 27.12
CA MET K 79 29.79 2.66 28.53
C MET K 79 30.53 1.61 29.37
N ILE K 80 30.95 0.51 28.73
CA ILE K 80 31.62 -0.55 29.49
C ILE K 80 33.09 -0.20 29.70
N GLN K 81 33.79 0.18 28.63
CA GLN K 81 35.22 0.48 28.75
C GLN K 81 35.45 1.73 29.59
N LEU K 82 34.55 2.71 29.50
CA LEU K 82 34.63 3.86 30.39
C LEU K 82 34.40 3.46 31.84
N CYS K 83 33.47 2.54 32.08
CA CYS K 83 33.21 2.09 33.45
C CYS K 83 34.44 1.44 34.05
N SER K 84 35.14 0.59 33.28
CA SER K 84 36.34 -0.06 33.78
C SER K 84 37.42 0.97 34.12
N LYS K 85 37.63 1.94 33.23
CA LYS K 85 38.57 3.03 33.53
C LYS K 85 38.10 3.83 34.72
N LEU K 86 36.80 4.11 34.81
CA LEU K 86 36.25 4.76 35.99
C LEU K 86 36.44 3.89 37.22
N ARG K 87 36.20 2.58 37.09
CA ARG K 87 36.39 1.68 38.22
C ARG K 87 37.86 1.61 38.62
N ASN K 88 38.76 1.55 37.64
CA ASN K 88 40.18 1.48 37.94
C ASN K 88 40.68 2.77 38.60
N LEU K 89 40.27 3.92 38.07
CA LEU K 89 40.66 5.19 38.67
C LEU K 89 40.08 5.34 40.07
N LEU K 90 38.82 4.94 40.26
CA LEU K 90 38.18 5.08 41.57
C LEU K 90 38.77 4.12 42.59
N HIS K 91 39.47 3.08 42.16
CA HIS K 91 40.26 2.25 43.06
C HIS K 91 41.65 2.82 43.32
N ASP K 92 42.04 3.88 42.61
CA ASP K 92 43.33 4.54 42.78
C ASP K 92 44.48 3.56 42.57
N ASN K 93 44.57 3.05 41.35
CA ASN K 93 45.66 2.16 40.96
C ASN K 93 46.51 2.78 39.86
N SER L 1 -36.43 -38.53 -17.31
CA SER L 1 -35.95 -39.65 -18.12
C SER L 1 -35.17 -40.64 -17.26
N ALA L 2 -35.51 -41.92 -17.41
CA ALA L 2 -34.87 -43.00 -16.68
C ALA L 2 -33.94 -43.74 -17.64
N LYS L 3 -32.71 -44.01 -17.18
CA LYS L 3 -31.78 -44.79 -17.99
C LYS L 3 -30.60 -45.18 -17.13
N ALA L 4 -29.85 -46.17 -17.62
CA ALA L 4 -28.57 -46.57 -17.03
C ALA L 4 -27.50 -46.31 -18.08
N LYS L 5 -27.02 -45.08 -18.14
CA LYS L 5 -25.98 -44.68 -19.07
C LYS L 5 -25.10 -43.64 -18.38
N THR L 6 -24.28 -42.97 -19.18
CA THR L 6 -23.51 -41.85 -18.69
C THR L 6 -24.43 -40.67 -18.39
N ARG L 7 -24.26 -40.09 -17.19
CA ARG L 7 -25.16 -39.02 -16.73
C ARG L 7 -25.20 -37.86 -17.72
N SER L 8 -24.13 -37.67 -18.48
CA SER L 8 -24.10 -36.60 -19.48
C SER L 8 -25.19 -36.81 -20.51
N SER L 9 -25.11 -37.92 -21.25
CA SER L 9 -26.10 -38.17 -22.31
C SER L 9 -27.50 -38.26 -21.74
N ARG L 10 -27.64 -38.84 -20.55
CA ARG L 10 -28.95 -38.90 -19.92
C ARG L 10 -29.52 -37.50 -19.70
N ALA L 11 -28.67 -36.54 -19.35
CA ALA L 11 -29.15 -35.17 -19.25
C ALA L 11 -29.25 -34.50 -20.61
N GLY L 12 -28.62 -35.09 -21.62
CA GLY L 12 -28.64 -34.52 -22.95
C GLY L 12 -27.65 -33.40 -23.20
N LEU L 13 -26.47 -33.43 -22.59
CA LEU L 13 -25.54 -32.33 -22.81
C LEU L 13 -24.30 -32.83 -23.55
N GLN L 14 -23.34 -31.93 -23.75
CA GLN L 14 -22.01 -32.30 -24.20
C GLN L 14 -20.99 -31.83 -23.17
N PHE L 15 -20.93 -32.47 -22.01
CA PHE L 15 -20.00 -32.17 -20.92
C PHE L 15 -20.09 -33.24 -19.86
N PRO L 16 -19.03 -33.48 -19.10
CA PRO L 16 -19.11 -34.48 -18.04
C PRO L 16 -19.97 -33.99 -16.89
N VAL L 17 -20.79 -34.88 -16.35
CA VAL L 17 -21.55 -34.54 -15.15
C VAL L 17 -20.86 -35.19 -13.96
N GLY L 18 -20.24 -36.35 -14.20
CA GLY L 18 -19.43 -36.98 -13.17
C GLY L 18 -18.22 -36.16 -12.79
N ARG L 19 -17.51 -35.63 -13.77
CA ARG L 19 -16.32 -34.84 -13.48
C ARG L 19 -16.67 -33.58 -12.69
N VAL L 20 -17.75 -32.90 -13.08
CA VAL L 20 -18.17 -31.72 -12.36
C VAL L 20 -18.63 -32.08 -10.95
N HIS L 21 -19.28 -33.23 -10.79
CA HIS L 21 -19.67 -33.68 -9.46
C HIS L 21 -18.45 -33.89 -8.56
N ARG L 22 -17.42 -34.55 -9.08
CA ARG L 22 -16.21 -34.76 -8.30
C ARG L 22 -15.53 -33.45 -7.96
N LEU L 23 -15.48 -32.52 -8.90
CA LEU L 23 -14.84 -31.23 -8.64
C LEU L 23 -15.59 -30.42 -7.58
N LEU L 24 -16.91 -30.55 -7.53
CA LEU L 24 -17.67 -29.85 -6.50
C LEU L 24 -17.50 -30.49 -5.12
N ARG L 25 -17.18 -31.78 -5.09
CA ARG L 25 -16.99 -32.47 -3.81
C ARG L 25 -15.60 -32.25 -3.27
N LYS L 26 -14.57 -32.47 -4.08
CA LYS L 26 -13.20 -32.40 -3.61
C LYS L 26 -12.61 -30.99 -3.71
N GLY L 27 -13.46 -29.97 -3.67
CA GLY L 27 -13.02 -28.60 -3.76
C GLY L 27 -13.24 -27.78 -2.50
N ASN L 28 -13.79 -28.42 -1.46
CA ASN L 28 -14.12 -27.74 -0.20
C ASN L 28 -15.12 -26.61 -0.38
N TYR L 29 -16.03 -26.73 -1.34
CA TYR L 29 -17.07 -25.72 -1.47
C TYR L 29 -18.18 -25.87 -0.44
N SER L 30 -18.52 -27.10 -0.07
CA SER L 30 -19.44 -27.33 1.04
C SER L 30 -19.33 -28.77 1.49
N GLU L 31 -20.06 -29.09 2.55
CA GLU L 31 -19.96 -30.42 3.15
C GLU L 31 -20.64 -31.46 2.28
N ARG L 32 -21.86 -31.19 1.85
CA ARG L 32 -22.61 -32.12 1.01
C ARG L 32 -23.00 -31.43 -0.29
N VAL L 33 -22.97 -32.18 -1.38
CA VAL L 33 -23.25 -31.66 -2.71
C VAL L 33 -24.48 -32.37 -3.25
N GLY L 34 -25.59 -31.66 -3.36
CA GLY L 34 -26.82 -32.22 -3.86
C GLY L 34 -26.68 -32.93 -5.19
N ALA L 35 -27.54 -33.91 -5.46
CA ALA L 35 -27.45 -34.72 -6.67
C ALA L 35 -27.85 -33.98 -7.92
N GLY L 36 -28.52 -32.84 -7.78
CA GLY L 36 -29.00 -32.05 -8.90
C GLY L 36 -28.09 -30.91 -9.30
N ALA L 37 -27.10 -30.60 -8.48
CA ALA L 37 -26.24 -29.45 -8.78
C ALA L 37 -25.32 -29.68 -9.97
N PRO L 38 -24.59 -30.78 -10.09
CA PRO L 38 -23.69 -30.93 -11.25
C PRO L 38 -24.38 -30.87 -12.60
N VAL L 39 -25.62 -31.35 -12.74
CA VAL L 39 -26.28 -31.25 -14.03
C VAL L 39 -26.55 -29.79 -14.37
N TYR L 40 -27.11 -29.03 -13.43
CA TYR L 40 -27.34 -27.61 -13.64
C TYR L 40 -26.05 -26.88 -14.02
N LEU L 41 -24.96 -27.18 -13.31
CA LEU L 41 -23.72 -26.46 -13.56
C LEU L 41 -23.12 -26.80 -14.92
N ALA L 42 -23.16 -28.08 -15.30
CA ALA L 42 -22.65 -28.46 -16.61
C ALA L 42 -23.45 -27.81 -17.73
N ALA L 43 -24.77 -27.69 -17.55
CA ALA L 43 -25.59 -27.04 -18.56
C ALA L 43 -25.22 -25.58 -18.74
N VAL L 44 -25.02 -24.86 -17.63
CA VAL L 44 -24.67 -23.44 -17.72
C VAL L 44 -23.32 -23.24 -18.38
N LEU L 45 -22.32 -24.04 -18.01
CA LEU L 45 -21.01 -23.94 -18.64
C LEU L 45 -21.08 -24.21 -20.13
N GLU L 46 -21.85 -25.22 -20.53
CA GLU L 46 -21.97 -25.54 -21.95
C GLU L 46 -22.64 -24.41 -22.72
N TYR L 47 -23.66 -23.78 -22.13
CA TYR L 47 -24.33 -22.67 -22.81
C TYR L 47 -23.37 -21.51 -23.05
N LEU L 48 -22.58 -21.16 -22.04
CA LEU L 48 -21.66 -20.03 -22.19
C LEU L 48 -20.60 -20.33 -23.25
N THR L 49 -20.06 -21.55 -23.25
CA THR L 49 -19.09 -21.95 -24.25
C THR L 49 -19.67 -21.89 -25.66
N ALA L 50 -20.92 -22.33 -25.82
CA ALA L 50 -21.54 -22.28 -27.14
C ALA L 50 -21.69 -20.86 -27.65
N GLU L 51 -22.07 -19.93 -26.77
CA GLU L 51 -22.19 -18.53 -27.19
C GLU L 51 -20.86 -18.00 -27.72
N ILE L 52 -19.78 -18.13 -26.95
CA ILE L 52 -18.49 -17.57 -27.35
C ILE L 52 -17.99 -18.23 -28.63
N LEU L 53 -18.18 -19.54 -28.76
CA LEU L 53 -17.68 -20.22 -29.95
C LEU L 53 -18.45 -19.86 -31.20
N GLU L 54 -19.76 -19.62 -31.09
CA GLU L 54 -20.51 -19.17 -32.25
C GLU L 54 -20.01 -17.82 -32.76
N LEU L 55 -19.88 -16.84 -31.86
CA LEU L 55 -19.41 -15.52 -32.26
C LEU L 55 -18.00 -15.57 -32.80
N ALA L 56 -17.13 -16.37 -32.18
CA ALA L 56 -15.75 -16.44 -32.63
C ALA L 56 -15.66 -17.12 -33.99
N GLY L 57 -16.49 -18.13 -34.22
CA GLY L 57 -16.53 -18.76 -35.54
C GLY L 57 -16.96 -17.80 -36.63
N ASN L 58 -17.94 -16.95 -36.33
CA ASN L 58 -18.33 -15.90 -37.26
C ASN L 58 -17.14 -15.01 -37.59
N ALA L 59 -16.45 -14.51 -36.56
CA ALA L 59 -15.33 -13.60 -36.78
C ALA L 59 -14.21 -14.25 -37.59
N ALA L 60 -14.03 -15.57 -37.46
CA ALA L 60 -12.99 -16.23 -38.24
C ALA L 60 -13.42 -16.39 -39.69
N ARG L 61 -14.70 -16.66 -39.92
CA ARG L 61 -15.22 -16.70 -41.27
C ARG L 61 -15.09 -15.35 -41.96
N ASP L 62 -15.22 -14.27 -41.19
CA ASP L 62 -15.11 -12.94 -41.77
C ASP L 62 -13.73 -12.70 -42.36
N ASN L 63 -12.69 -13.23 -41.73
CA ASN L 63 -11.33 -13.05 -42.21
C ASN L 63 -10.93 -14.10 -43.23
N LYS L 64 -11.89 -14.87 -43.74
CA LYS L 64 -11.65 -15.93 -44.72
C LYS L 64 -10.75 -17.03 -44.20
N LYS L 65 -10.49 -17.05 -42.89
CA LYS L 65 -9.73 -18.12 -42.25
C LYS L 65 -10.69 -19.15 -41.68
N THR L 66 -10.40 -20.42 -41.92
CA THR L 66 -11.26 -21.51 -41.49
C THR L 66 -10.88 -22.11 -40.15
N ARG L 67 -10.10 -21.41 -39.33
CA ARG L 67 -9.64 -21.99 -38.08
C ARG L 67 -9.43 -20.90 -37.04
N ILE L 68 -10.14 -21.01 -35.92
CA ILE L 68 -10.11 -19.99 -34.88
C ILE L 68 -8.72 -19.84 -34.30
N ILE L 69 -8.33 -18.60 -34.03
CA ILE L 69 -7.09 -18.30 -33.33
C ILE L 69 -7.41 -17.33 -32.20
N PRO L 70 -6.48 -17.02 -31.28
CA PRO L 70 -6.83 -16.14 -30.17
C PRO L 70 -7.38 -14.80 -30.59
N ARG L 71 -6.89 -14.24 -31.69
CA ARG L 71 -7.36 -12.95 -32.16
C ARG L 71 -8.87 -12.92 -32.33
N HIS L 72 -9.45 -13.99 -32.89
CA HIS L 72 -10.89 -14.03 -33.12
C HIS L 72 -11.68 -14.13 -31.82
N LEU L 73 -11.15 -14.83 -30.82
CA LEU L 73 -11.80 -14.83 -29.50
C LEU L 73 -11.86 -13.43 -28.91
N GLN L 74 -10.78 -12.66 -29.03
CA GLN L 74 -10.78 -11.30 -28.50
C GLN L 74 -11.80 -10.43 -29.20
N LEU L 75 -11.90 -10.53 -30.53
CA LEU L 75 -12.90 -9.74 -31.26
C LEU L 75 -14.31 -10.08 -30.81
N ALA L 76 -14.63 -11.36 -30.74
CA ALA L 76 -15.98 -11.79 -30.37
C ALA L 76 -16.34 -11.42 -28.95
N ILE L 77 -15.36 -11.26 -28.06
CA ILE L 77 -15.69 -10.91 -26.68
C ILE L 77 -15.88 -9.41 -26.52
N ARG L 78 -15.02 -8.60 -27.15
CA ARG L 78 -15.13 -7.16 -26.98
C ARG L 78 -16.31 -6.58 -27.73
N ASN L 79 -16.59 -7.10 -28.93
CA ASN L 79 -17.69 -6.55 -29.73
C ASN L 79 -19.04 -6.75 -29.06
N ASP L 80 -19.27 -7.91 -28.46
CA ASP L 80 -20.52 -8.14 -27.75
C ASP L 80 -20.59 -7.25 -26.52
N GLU L 81 -21.75 -7.21 -25.88
CA GLU L 81 -21.96 -6.34 -24.73
C GLU L 81 -21.99 -7.10 -23.41
N GLU L 82 -22.85 -8.10 -23.28
CA GLU L 82 -22.90 -8.86 -22.04
C GLU L 82 -21.61 -9.64 -21.82
N LEU L 83 -21.07 -10.26 -22.87
CA LEU L 83 -19.82 -11.00 -22.72
C LEU L 83 -18.68 -10.09 -22.33
N ASN L 84 -18.61 -8.88 -22.90
CA ASN L 84 -17.56 -7.95 -22.52
C ASN L 84 -17.75 -7.44 -21.10
N LYS L 85 -18.99 -7.41 -20.62
CA LYS L 85 -19.23 -7.03 -19.23
C LYS L 85 -18.90 -8.16 -18.27
N LEU L 86 -18.97 -9.40 -18.72
CA LEU L 86 -18.64 -10.53 -17.86
C LEU L 86 -17.13 -10.74 -17.78
N LEU L 87 -16.42 -10.54 -18.88
CA LEU L 87 -14.97 -10.68 -18.95
C LEU L 87 -14.28 -9.33 -18.99
N GLY L 88 -14.78 -8.37 -18.21
CA GLY L 88 -14.24 -7.02 -18.24
C GLY L 88 -12.78 -6.93 -17.84
N ARG L 89 -12.39 -7.67 -16.82
CA ARG L 89 -11.02 -7.60 -16.30
C ARG L 89 -10.07 -8.58 -16.97
N VAL L 90 -10.59 -9.65 -17.58
CA VAL L 90 -9.74 -10.67 -18.16
C VAL L 90 -8.93 -10.13 -19.32
N THR L 91 -7.68 -10.60 -19.44
CA THR L 91 -6.80 -10.27 -20.55
C THR L 91 -6.56 -11.52 -21.38
N ILE L 92 -6.85 -11.45 -22.67
CA ILE L 92 -6.66 -12.57 -23.59
C ILE L 92 -5.27 -12.49 -24.19
N ALA L 93 -4.43 -13.46 -23.88
CA ALA L 93 -3.08 -13.49 -24.42
C ALA L 93 -3.10 -13.46 -25.94
N GLN L 94 -2.15 -12.73 -26.53
CA GLN L 94 -2.03 -12.60 -27.98
C GLN L 94 -3.31 -12.08 -28.63
N GLY L 95 -4.09 -11.30 -27.89
CA GLY L 95 -5.40 -10.89 -28.34
C GLY L 95 -5.48 -9.61 -29.14
N GLY L 96 -4.42 -8.82 -29.18
CA GLY L 96 -4.55 -7.54 -29.86
C GLY L 96 -5.53 -6.63 -29.13
N VAL L 97 -6.16 -5.74 -29.88
CA VAL L 97 -7.13 -4.80 -29.30
C VAL L 97 -8.04 -4.32 -30.42
N LEU L 98 -9.21 -3.82 -30.04
CA LEU L 98 -10.18 -3.34 -31.01
C LEU L 98 -9.63 -2.14 -31.80
N PRO L 99 -9.82 -2.10 -33.12
CA PRO L 99 -9.46 -0.91 -33.89
C PRO L 99 -10.34 0.27 -33.52
N ASN L 100 -9.74 1.33 -32.97
CA ASN L 100 -10.51 2.47 -32.51
C ASN L 100 -9.60 3.70 -32.49
N ILE L 101 -9.83 4.61 -33.43
CA ILE L 101 -9.13 5.90 -33.47
C ILE L 101 -10.09 6.97 -32.99
N GLN L 102 -9.65 7.76 -32.02
CA GLN L 102 -10.47 8.86 -31.53
C GLN L 102 -10.78 9.83 -32.66
N ALA L 103 -11.98 10.42 -32.62
CA ALA L 103 -12.46 11.23 -33.74
C ALA L 103 -11.64 12.50 -33.89
N VAL L 104 -11.22 13.10 -32.78
CA VAL L 104 -10.56 14.39 -32.84
C VAL L 104 -9.23 14.29 -33.58
N LEU L 105 -8.56 13.14 -33.50
CA LEU L 105 -7.25 12.98 -34.11
C LEU L 105 -7.30 12.86 -35.62
N LEU L 106 -8.46 12.56 -36.19
CA LEU L 106 -8.56 12.33 -37.63
C LEU L 106 -8.29 13.61 -38.43
N PRO L 107 -7.83 13.47 -39.66
CA PRO L 107 -7.48 14.66 -40.47
C PRO L 107 -8.72 15.52 -40.70
N LYS L 108 -8.49 16.76 -41.11
CA LYS L 108 -9.59 17.68 -41.33
C LYS L 108 -9.33 18.54 -42.56
N LYS L 109 -10.43 18.88 -43.24
CA LYS L 109 -10.41 19.65 -44.47
C LYS L 109 -10.08 21.10 -44.13
N SER M 1 5.63 -24.51 26.55
CA SER M 1 5.06 -23.94 27.77
C SER M 1 4.35 -25.08 28.50
N ALA M 2 4.85 -25.42 29.69
CA ALA M 2 4.36 -26.59 30.39
C ALA M 2 2.93 -26.44 30.88
N LYS M 3 2.43 -25.21 30.95
CA LYS M 3 1.17 -24.96 31.64
C LYS M 3 0.00 -25.63 30.92
N ALA M 4 -0.87 -26.26 31.71
CA ALA M 4 -2.12 -26.83 31.19
C ALA M 4 -3.29 -25.88 31.45
N LYS M 5 -3.19 -24.67 30.91
CA LYS M 5 -4.22 -23.66 31.08
C LYS M 5 -4.91 -23.39 29.74
N THR M 6 -5.83 -22.43 29.75
CA THR M 6 -6.52 -22.05 28.52
C THR M 6 -5.53 -21.60 27.46
N ARG M 7 -5.74 -22.06 26.23
CA ARG M 7 -4.75 -21.89 25.19
C ARG M 7 -4.48 -20.42 24.90
N SER M 8 -5.49 -19.56 25.06
CA SER M 8 -5.28 -18.13 24.96
C SER M 8 -4.17 -17.65 25.88
N SER M 9 -4.25 -18.00 27.16
CA SER M 9 -3.22 -17.59 28.11
C SER M 9 -1.87 -18.24 27.80
N ARG M 10 -1.88 -19.54 27.47
CA ARG M 10 -0.62 -20.24 27.21
C ARG M 10 0.14 -19.68 26.02
N ALA M 11 -0.54 -18.96 25.13
CA ALA M 11 0.13 -18.26 24.04
C ALA M 11 0.44 -16.82 24.37
N GLY M 12 -0.07 -16.30 25.49
CA GLY M 12 0.15 -14.91 25.84
C GLY M 12 -0.79 -13.93 25.18
N LEU M 13 -1.64 -14.36 24.26
CA LEU M 13 -2.52 -13.45 23.55
C LEU M 13 -3.70 -13.02 24.43
N GLN M 14 -4.61 -12.25 23.82
CA GLN M 14 -5.91 -11.94 24.40
C GLN M 14 -7.06 -12.48 23.59
N PHE M 15 -6.92 -12.56 22.27
CA PHE M 15 -7.99 -13.09 21.44
C PHE M 15 -8.16 -14.58 21.72
N PRO M 16 -9.38 -15.11 21.55
CA PRO M 16 -9.59 -16.54 21.83
C PRO M 16 -8.92 -17.40 20.79
N VAL M 17 -8.35 -18.51 21.24
CA VAL M 17 -7.68 -19.45 20.35
C VAL M 17 -8.58 -20.65 20.06
N GLY M 18 -9.36 -21.08 21.04
CA GLY M 18 -10.31 -22.15 20.78
C GLY M 18 -11.36 -21.75 19.78
N ARG M 19 -11.87 -20.52 19.91
CA ARG M 19 -12.89 -20.03 18.99
C ARG M 19 -12.36 -19.90 17.57
N VAL M 20 -11.12 -19.40 17.41
CA VAL M 20 -10.54 -19.30 16.08
C VAL M 20 -10.32 -20.69 15.49
N HIS M 21 -9.94 -21.65 16.33
CA HIS M 21 -9.77 -23.02 15.85
C HIS M 21 -11.08 -23.56 15.29
N ARG M 22 -12.17 -23.37 16.03
CA ARG M 22 -13.47 -23.83 15.56
C ARG M 22 -13.86 -23.16 14.24
N LEU M 23 -13.76 -21.83 14.18
CA LEU M 23 -14.13 -21.13 12.95
C LEU M 23 -13.32 -21.60 11.75
N LEU M 24 -12.07 -22.00 11.96
CA LEU M 24 -11.25 -22.54 10.87
C LEU M 24 -11.62 -23.96 10.52
N ARG M 25 -12.19 -24.71 11.46
CA ARG M 25 -12.62 -26.07 11.20
C ARG M 25 -13.98 -26.10 10.51
N LYS M 26 -15.01 -25.56 11.16
CA LYS M 26 -16.36 -25.60 10.63
C LYS M 26 -16.54 -24.74 9.39
N GLY M 27 -15.53 -23.99 8.97
CA GLY M 27 -15.69 -23.03 7.89
C GLY M 27 -15.44 -23.53 6.49
N ASN M 28 -15.10 -24.80 6.33
CA ASN M 28 -14.85 -25.40 5.01
C ASN M 28 -13.70 -24.72 4.27
N TYR M 29 -12.65 -24.35 5.01
CA TYR M 29 -11.45 -23.85 4.36
C TYR M 29 -10.53 -24.99 3.95
N SER M 30 -10.46 -26.05 4.73
CA SER M 30 -9.72 -27.24 4.32
C SER M 30 -10.18 -28.43 5.16
N GLU M 31 -9.71 -29.60 4.76
CA GLU M 31 -10.11 -30.83 5.43
C GLU M 31 -9.46 -30.94 6.80
N ARG M 32 -8.16 -30.66 6.89
CA ARG M 32 -7.39 -30.78 8.12
C ARG M 32 -6.88 -29.41 8.51
N VAL M 33 -7.13 -29.01 9.76
CA VAL M 33 -6.64 -27.74 10.29
C VAL M 33 -5.53 -28.05 11.30
N GLY M 34 -4.29 -27.79 10.92
CA GLY M 34 -3.16 -28.05 11.81
C GLY M 34 -3.32 -27.40 13.15
N ALA M 35 -2.58 -27.87 14.16
CA ALA M 35 -2.69 -27.37 15.51
C ALA M 35 -1.94 -26.07 15.72
N GLY M 36 -1.18 -25.61 14.74
CA GLY M 36 -0.44 -24.37 14.83
C GLY M 36 -1.18 -23.18 14.26
N ALA M 37 -2.10 -23.41 13.34
CA ALA M 37 -2.74 -22.29 12.65
C ALA M 37 -3.56 -21.40 13.56
N PRO M 38 -4.43 -21.91 14.45
CA PRO M 38 -5.23 -20.97 15.27
C PRO M 38 -4.41 -20.03 16.14
N VAL M 39 -3.31 -20.47 16.75
CA VAL M 39 -2.50 -19.55 17.55
C VAL M 39 -1.94 -18.44 16.68
N TYR M 40 -1.33 -18.82 15.56
CA TYR M 40 -0.76 -17.84 14.64
C TYR M 40 -1.80 -16.84 14.17
N LEU M 41 -2.96 -17.32 13.77
CA LEU M 41 -3.99 -16.42 13.24
C LEU M 41 -4.56 -15.53 14.31
N ALA M 42 -4.74 -16.04 15.53
CA ALA M 42 -5.22 -15.21 16.62
C ALA M 42 -4.20 -14.12 16.97
N ALA M 43 -2.92 -14.44 16.91
CA ALA M 43 -1.88 -13.45 17.18
C ALA M 43 -1.90 -12.34 16.15
N VAL M 44 -2.01 -12.68 14.87
CA VAL M 44 -2.04 -11.67 13.82
C VAL M 44 -3.23 -10.73 13.99
N LEU M 45 -4.41 -11.31 14.26
CA LEU M 45 -5.60 -10.49 14.45
C LEU M 45 -5.43 -9.54 15.62
N GLU M 46 -4.92 -10.04 16.75
CA GLU M 46 -4.72 -9.19 17.91
C GLU M 46 -3.77 -8.04 17.62
N TYR M 47 -2.72 -8.30 16.85
CA TYR M 47 -1.76 -7.25 16.56
C TYR M 47 -2.39 -6.13 15.75
N LEU M 48 -3.17 -6.48 14.74
CA LEU M 48 -3.82 -5.47 13.91
C LEU M 48 -4.82 -4.64 14.71
N THR M 49 -5.58 -5.29 15.60
CA THR M 49 -6.52 -4.54 16.43
C THR M 49 -5.80 -3.57 17.34
N ALA M 50 -4.64 -3.95 17.87
CA ALA M 50 -3.87 -3.03 18.71
C ALA M 50 -3.44 -1.79 17.94
N GLU M 51 -2.94 -1.99 16.71
CA GLU M 51 -2.55 -0.86 15.88
C GLU M 51 -3.69 0.14 15.71
N ILE M 52 -4.84 -0.32 15.24
CA ILE M 52 -5.93 0.60 14.91
C ILE M 52 -6.44 1.28 16.18
N LEU M 53 -6.53 0.55 17.28
CA LEU M 53 -7.04 1.13 18.51
C LEU M 53 -6.08 2.16 19.09
N GLU M 54 -4.77 1.95 18.94
CA GLU M 54 -3.82 2.95 19.41
C GLU M 54 -3.96 4.25 18.63
N LEU M 55 -4.01 4.16 17.30
CA LEU M 55 -4.15 5.36 16.49
C LEU M 55 -5.46 6.07 16.75
N ALA M 56 -6.56 5.32 16.87
CA ALA M 56 -7.85 5.92 17.15
C ALA M 56 -7.86 6.62 18.50
N GLY M 57 -7.23 6.01 19.51
CA GLY M 57 -7.15 6.65 20.81
C GLY M 57 -6.41 7.97 20.79
N ASN M 58 -5.32 8.04 20.01
CA ASN M 58 -4.60 9.30 19.87
C ASN M 58 -5.50 10.40 19.31
N ALA M 59 -6.26 10.09 18.25
CA ALA M 59 -7.13 11.09 17.66
C ALA M 59 -8.20 11.56 18.63
N ALA M 60 -8.77 10.64 19.41
CA ALA M 60 -9.82 11.04 20.34
C ALA M 60 -9.26 11.91 21.46
N ARG M 61 -8.03 11.63 21.91
CA ARG M 61 -7.36 12.49 22.86
C ARG M 61 -7.08 13.88 22.28
N ASP M 62 -6.78 13.95 20.99
CA ASP M 62 -6.56 15.24 20.35
C ASP M 62 -7.82 16.10 20.39
N ASN M 63 -8.97 15.52 20.12
CA ASN M 63 -10.23 16.24 20.15
C ASN M 63 -10.78 16.39 21.56
N LYS M 64 -10.00 16.02 22.57
CA LYS M 64 -10.38 16.20 23.98
C LYS M 64 -11.65 15.42 24.29
N LYS M 65 -11.74 14.21 23.73
CA LYS M 65 -12.79 13.27 24.06
C LYS M 65 -12.18 11.99 24.59
N THR M 66 -12.78 11.44 25.64
CA THR M 66 -12.30 10.22 26.28
C THR M 66 -13.12 9.00 25.88
N ARG M 67 -13.59 8.93 24.64
CA ARG M 67 -14.42 7.81 24.21
C ARG M 67 -14.39 7.71 22.69
N ILE M 68 -13.78 6.65 22.16
CA ILE M 68 -13.61 6.50 20.73
C ILE M 68 -14.96 6.41 20.03
N ILE M 69 -15.12 7.17 18.96
CA ILE M 69 -16.34 7.13 18.15
C ILE M 69 -15.93 6.94 16.69
N PRO M 70 -16.86 6.47 15.84
CA PRO M 70 -16.49 6.11 14.46
C PRO M 70 -15.68 7.14 13.73
N ARG M 71 -15.91 8.43 13.99
CA ARG M 71 -15.13 9.48 13.33
C ARG M 71 -13.65 9.33 13.62
N HIS M 72 -13.30 8.98 14.86
CA HIS M 72 -11.90 8.80 15.21
C HIS M 72 -11.30 7.60 14.47
N LEU M 73 -12.08 6.55 14.24
CA LEU M 73 -11.57 5.41 13.48
C LEU M 73 -11.27 5.81 12.04
N GLN M 74 -12.16 6.57 11.42
CA GLN M 74 -11.92 7.03 10.05
C GLN M 74 -10.66 7.88 9.97
N LEU M 75 -10.50 8.81 10.91
CA LEU M 75 -9.31 9.66 10.94
C LEU M 75 -8.03 8.83 11.06
N ALA M 76 -8.02 7.88 12.00
CA ALA M 76 -6.83 7.06 12.22
C ALA M 76 -6.46 6.22 11.00
N ILE M 77 -7.45 5.64 10.32
CA ILE M 77 -7.15 4.74 9.20
C ILE M 77 -6.65 5.50 7.98
N ARG M 78 -7.25 6.66 7.69
CA ARG M 78 -6.87 7.37 6.47
C ARG M 78 -5.56 8.13 6.61
N ASN M 79 -5.26 8.65 7.80
CA ASN M 79 -4.03 9.41 7.97
C ASN M 79 -2.80 8.50 7.86
N ASP M 80 -2.87 7.31 8.44
CA ASP M 80 -1.80 6.34 8.23
C ASP M 80 -1.78 5.89 6.77
N GLU M 81 -0.65 5.31 6.36
CA GLU M 81 -0.48 4.93 4.96
C GLU M 81 -0.70 3.45 4.73
N GLU M 82 -0.03 2.57 5.49
CA GLU M 82 -0.21 1.15 5.27
C GLU M 82 -1.62 0.71 5.64
N LEU M 83 -2.16 1.23 6.75
CA LEU M 83 -3.53 0.92 7.14
C LEU M 83 -4.54 1.42 6.12
N ASN M 84 -4.24 2.53 5.45
CA ASN M 84 -5.15 3.01 4.41
C ASN M 84 -5.13 2.08 3.19
N LYS M 85 -3.95 1.60 2.81
CA LYS M 85 -3.87 0.71 1.66
C LYS M 85 -4.51 -0.64 1.93
N LEU M 86 -4.53 -1.08 3.19
CA LEU M 86 -5.21 -2.33 3.52
C LEU M 86 -6.72 -2.17 3.52
N LEU M 87 -7.22 -0.99 3.86
CA LEU M 87 -8.65 -0.72 3.88
C LEU M 87 -9.01 0.33 2.85
N GLY M 88 -8.45 0.18 1.65
CA GLY M 88 -8.72 1.14 0.59
C GLY M 88 -10.16 1.17 0.14
N ARG M 89 -10.79 0.00 0.03
CA ARG M 89 -12.14 -0.07 -0.50
C ARG M 89 -13.22 0.05 0.57
N VAL M 90 -12.87 -0.14 1.85
CA VAL M 90 -13.88 -0.15 2.90
C VAL M 90 -14.42 1.25 3.13
N THR M 91 -15.68 1.34 3.52
CA THR M 91 -16.36 2.59 3.83
C THR M 91 -16.87 2.51 5.27
N ILE M 92 -16.30 3.34 6.13
CA ILE M 92 -16.70 3.37 7.54
C ILE M 92 -17.98 4.19 7.69
N ALA M 93 -18.97 3.60 8.36
CA ALA M 93 -20.22 4.29 8.63
C ALA M 93 -19.96 5.45 9.58
N GLN M 94 -20.64 6.57 9.34
CA GLN M 94 -20.50 7.77 10.18
C GLN M 94 -19.05 8.24 10.24
N GLY M 95 -18.34 8.14 9.12
CA GLY M 95 -16.93 8.44 9.14
C GLY M 95 -16.52 9.82 8.66
N GLY M 96 -17.42 10.53 8.00
CA GLY M 96 -16.95 11.79 7.43
C GLY M 96 -15.90 11.54 6.36
N VAL M 97 -15.09 12.57 6.11
CA VAL M 97 -13.98 12.49 5.18
C VAL M 97 -12.80 13.26 5.76
N LEU M 98 -11.68 13.21 5.05
CA LEU M 98 -10.47 13.94 5.43
C LEU M 98 -10.57 15.41 5.02
N PRO M 99 -10.39 16.33 5.93
CA PRO M 99 -10.47 17.74 5.57
C PRO M 99 -9.33 18.18 4.68
N ASN M 100 -9.62 18.49 3.42
CA ASN M 100 -8.62 19.01 2.50
C ASN M 100 -9.30 19.78 1.39
N ILE M 101 -8.72 20.93 1.04
CA ILE M 101 -9.20 21.76 -0.05
C ILE M 101 -8.09 21.83 -1.11
N GLN M 102 -8.48 21.71 -2.37
CA GLN M 102 -7.49 21.78 -3.44
C GLN M 102 -6.81 23.14 -3.44
N ALA M 103 -5.51 23.14 -3.73
CA ALA M 103 -4.71 24.35 -3.57
C ALA M 103 -5.12 25.45 -4.54
N VAL M 104 -5.62 25.10 -5.72
CA VAL M 104 -5.98 26.11 -6.70
C VAL M 104 -7.17 26.95 -6.27
N LEU M 105 -8.03 26.41 -5.39
CA LEU M 105 -9.27 27.10 -5.03
C LEU M 105 -9.09 28.12 -3.93
N LEU M 106 -8.02 28.04 -3.14
CA LEU M 106 -7.76 28.95 -2.04
C LEU M 106 -7.59 30.38 -2.55
N PRO M 107 -7.98 31.39 -1.76
CA PRO M 107 -8.05 32.76 -2.29
C PRO M 107 -6.69 33.20 -2.76
N LYS M 108 -6.68 34.20 -3.64
CA LYS M 108 -5.45 34.73 -4.24
C LYS M 108 -4.48 35.46 -3.32
N LYS M 109 -3.57 34.71 -2.72
CA LYS M 109 -2.54 35.28 -1.85
C LYS M 109 -1.52 36.05 -2.69
N THR M 110 -0.95 37.11 -2.13
CA THR M 110 0.04 37.92 -2.85
C THR M 110 1.45 37.41 -2.61
#